data_1CEU
# 
_entry.id   1CEU 
# 
_audit_conform.dict_name       mmcif_pdbx.dic 
_audit_conform.dict_version    5.383 
_audit_conform.dict_location   http://mmcif.pdb.org/dictionaries/ascii/mmcif_pdbx.dic 
# 
loop_
_database_2.database_id 
_database_2.database_code 
_database_2.pdbx_database_accession 
_database_2.pdbx_DOI 
PDB   1CEU         pdb_00001ceu 10.2210/pdb1ceu/pdb 
RCSB  RCSB000613   ?            ?                   
WWPDB D_1000000613 ?            ?                   
# 
loop_
_pdbx_audit_revision_history.ordinal 
_pdbx_audit_revision_history.data_content_type 
_pdbx_audit_revision_history.major_revision 
_pdbx_audit_revision_history.minor_revision 
_pdbx_audit_revision_history.revision_date 
1 'Structure model' 1 0 2000-03-10 
2 'Structure model' 1 1 2008-04-26 
3 'Structure model' 1 2 2011-07-13 
4 'Structure model' 1 3 2022-02-16 
5 'Structure model' 1 4 2023-12-27 
# 
_pdbx_audit_revision_details.ordinal             1 
_pdbx_audit_revision_details.revision_ordinal    1 
_pdbx_audit_revision_details.data_content_type   'Structure model' 
_pdbx_audit_revision_details.provider            repository 
_pdbx_audit_revision_details.type                'Initial release' 
_pdbx_audit_revision_details.description         ? 
_pdbx_audit_revision_details.details             ? 
# 
loop_
_pdbx_audit_revision_group.ordinal 
_pdbx_audit_revision_group.revision_ordinal 
_pdbx_audit_revision_group.data_content_type 
_pdbx_audit_revision_group.group 
1 2 'Structure model' 'Version format compliance' 
2 3 'Structure model' 'Version format compliance' 
3 4 'Structure model' 'Data collection'           
4 4 'Structure model' 'Database references'       
5 4 'Structure model' 'Derived calculations'      
6 5 'Structure model' 'Data collection'           
# 
loop_
_pdbx_audit_revision_category.ordinal 
_pdbx_audit_revision_category.revision_ordinal 
_pdbx_audit_revision_category.data_content_type 
_pdbx_audit_revision_category.category 
1 4 'Structure model' database_2            
2 4 'Structure model' pdbx_nmr_software     
3 4 'Structure model' pdbx_struct_assembly  
4 4 'Structure model' pdbx_struct_oper_list 
5 5 'Structure model' chem_comp_atom        
6 5 'Structure model' chem_comp_bond        
# 
loop_
_pdbx_audit_revision_item.ordinal 
_pdbx_audit_revision_item.revision_ordinal 
_pdbx_audit_revision_item.data_content_type 
_pdbx_audit_revision_item.item 
1 4 'Structure model' '_database_2.pdbx_DOI'                
2 4 'Structure model' '_database_2.pdbx_database_accession' 
3 4 'Structure model' '_pdbx_nmr_software.name'             
# 
_pdbx_database_status.status_code                     REL 
_pdbx_database_status.entry_id                        1CEU 
_pdbx_database_status.recvd_initial_deposition_date   1999-03-10 
_pdbx_database_status.deposit_site                    BNL 
_pdbx_database_status.process_site                    RCSB 
_pdbx_database_status.SG_entry                        . 
_pdbx_database_status.pdb_format_compatible           Y 
_pdbx_database_status.status_code_mr                  ? 
_pdbx_database_status.status_code_sf                  ? 
_pdbx_database_status.status_code_cs                  ? 
_pdbx_database_status.status_code_nmr_data            ? 
_pdbx_database_status.methods_development_category    ? 
# 
loop_
_audit_author.name 
_audit_author.pdbx_ordinal 
'Wecker, K.'   1 
'Roques, B.P.' 2 
# 
_citation.id                        primary 
_citation.title                     'NMR structure of the (1-51) N-terminal domain of the HIV-1 regulatory protein Vpr.' 
_citation.journal_abbrev            Eur.J.Biochem. 
_citation.journal_volume            266 
_citation.page_first                359 
_citation.page_last                 369 
_citation.year                      1999 
_citation.journal_id_ASTM           EJBCAI 
_citation.country                   IX 
_citation.journal_id_ISSN           0014-2956 
_citation.journal_id_CSD            0262 
_citation.book_publisher            ? 
_citation.pdbx_database_id_PubMed   10561576 
_citation.pdbx_database_id_DOI      10.1046/j.1432-1327.1999.00858.x 
# 
loop_
_citation_author.citation_id 
_citation_author.name 
_citation_author.ordinal 
_citation_author.identifier_ORCID 
primary 'Wecker, K.'   1 ? 
primary 'Roques, B.P.' 2 ? 
# 
_entity.id                         1 
_entity.type                       polymer 
_entity.src_method                 syn 
_entity.pdbx_description           'PROTEIN (HIV-1 REGULATORY PROTEIN N-TERMINAL DOMAIN VPR)' 
_entity.formula_weight             6172.783 
_entity.pdbx_number_of_molecules   1 
_entity.pdbx_ec                    ? 
_entity.pdbx_mutation              ? 
_entity.pdbx_fragment              1-51 
_entity.details                    ? 
# 
_entity_poly.entity_id                      1 
_entity_poly.type                           'polypeptide(L)' 
_entity_poly.nstd_linkage                   no 
_entity_poly.nstd_monomer                   no 
_entity_poly.pdbx_seq_one_letter_code       MEQAPEDQGPQREPYNDWTLELLEELKNEAVRHFPRIWLHSLGQHIYETYG 
_entity_poly.pdbx_seq_one_letter_code_can   MEQAPEDQGPQREPYNDWTLELLEELKNEAVRHFPRIWLHSLGQHIYETYG 
_entity_poly.pdbx_strand_id                 A 
_entity_poly.pdbx_target_identifier         ? 
# 
loop_
_entity_poly_seq.entity_id 
_entity_poly_seq.num 
_entity_poly_seq.mon_id 
_entity_poly_seq.hetero 
1 1  MET n 
1 2  GLU n 
1 3  GLN n 
1 4  ALA n 
1 5  PRO n 
1 6  GLU n 
1 7  ASP n 
1 8  GLN n 
1 9  GLY n 
1 10 PRO n 
1 11 GLN n 
1 12 ARG n 
1 13 GLU n 
1 14 PRO n 
1 15 TYR n 
1 16 ASN n 
1 17 ASP n 
1 18 TRP n 
1 19 THR n 
1 20 LEU n 
1 21 GLU n 
1 22 LEU n 
1 23 LEU n 
1 24 GLU n 
1 25 GLU n 
1 26 LEU n 
1 27 LYS n 
1 28 ASN n 
1 29 GLU n 
1 30 ALA n 
1 31 VAL n 
1 32 ARG n 
1 33 HIS n 
1 34 PHE n 
1 35 PRO n 
1 36 ARG n 
1 37 ILE n 
1 38 TRP n 
1 39 LEU n 
1 40 HIS n 
1 41 SER n 
1 42 LEU n 
1 43 GLY n 
1 44 GLN n 
1 45 HIS n 
1 46 ILE n 
1 47 TYR n 
1 48 GLU n 
1 49 THR n 
1 50 TYR n 
1 51 GLY n 
# 
_pdbx_entity_src_syn.entity_id              1 
_pdbx_entity_src_syn.pdbx_src_id            1 
_pdbx_entity_src_syn.pdbx_alt_source_flag   sample 
_pdbx_entity_src_syn.pdbx_beg_seq_num       ? 
_pdbx_entity_src_syn.pdbx_end_seq_num       ? 
_pdbx_entity_src_syn.organism_scientific    ? 
_pdbx_entity_src_syn.organism_common_name   ? 
_pdbx_entity_src_syn.ncbi_taxonomy_id       ? 
_pdbx_entity_src_syn.details                
;THIS PROTEIN WAS CHEMICALLY SYNTHESIZED BY SOLID PHASE SYNTHESIS. THE SEQUENCE OF THIS PROTEIN IS FOUND IN THE VPR GENE, HIV-1 LAI ISOLATE VARIANT OF V6750.
;
# 
loop_
_chem_comp.id 
_chem_comp.type 
_chem_comp.mon_nstd_flag 
_chem_comp.name 
_chem_comp.pdbx_synonyms 
_chem_comp.formula 
_chem_comp.formula_weight 
ALA 'L-peptide linking' y ALANINE         ? 'C3 H7 N O2'     89.093  
ARG 'L-peptide linking' y ARGININE        ? 'C6 H15 N4 O2 1' 175.209 
ASN 'L-peptide linking' y ASPARAGINE      ? 'C4 H8 N2 O3'    132.118 
ASP 'L-peptide linking' y 'ASPARTIC ACID' ? 'C4 H7 N O4'     133.103 
GLN 'L-peptide linking' y GLUTAMINE       ? 'C5 H10 N2 O3'   146.144 
GLU 'L-peptide linking' y 'GLUTAMIC ACID' ? 'C5 H9 N O4'     147.129 
GLY 'peptide linking'   y GLYCINE         ? 'C2 H5 N O2'     75.067  
HIS 'L-peptide linking' y HISTIDINE       ? 'C6 H10 N3 O2 1' 156.162 
ILE 'L-peptide linking' y ISOLEUCINE      ? 'C6 H13 N O2'    131.173 
LEU 'L-peptide linking' y LEUCINE         ? 'C6 H13 N O2'    131.173 
LYS 'L-peptide linking' y LYSINE          ? 'C6 H15 N2 O2 1' 147.195 
MET 'L-peptide linking' y METHIONINE      ? 'C5 H11 N O2 S'  149.211 
PHE 'L-peptide linking' y PHENYLALANINE   ? 'C9 H11 N O2'    165.189 
PRO 'L-peptide linking' y PROLINE         ? 'C5 H9 N O2'     115.130 
SER 'L-peptide linking' y SERINE          ? 'C3 H7 N O3'     105.093 
THR 'L-peptide linking' y THREONINE       ? 'C4 H9 N O3'     119.119 
TRP 'L-peptide linking' y TRYPTOPHAN      ? 'C11 H12 N2 O2'  204.225 
TYR 'L-peptide linking' y TYROSINE        ? 'C9 H11 N O3'    181.189 
VAL 'L-peptide linking' y VALINE          ? 'C5 H11 N O2'    117.146 
# 
loop_
_pdbx_poly_seq_scheme.asym_id 
_pdbx_poly_seq_scheme.entity_id 
_pdbx_poly_seq_scheme.seq_id 
_pdbx_poly_seq_scheme.mon_id 
_pdbx_poly_seq_scheme.ndb_seq_num 
_pdbx_poly_seq_scheme.pdb_seq_num 
_pdbx_poly_seq_scheme.auth_seq_num 
_pdbx_poly_seq_scheme.pdb_mon_id 
_pdbx_poly_seq_scheme.auth_mon_id 
_pdbx_poly_seq_scheme.pdb_strand_id 
_pdbx_poly_seq_scheme.pdb_ins_code 
_pdbx_poly_seq_scheme.hetero 
A 1 1  MET 1  1  1  MET MET A . n 
A 1 2  GLU 2  2  2  GLU GLU A . n 
A 1 3  GLN 3  3  3  GLN GLN A . n 
A 1 4  ALA 4  4  4  ALA ALA A . n 
A 1 5  PRO 5  5  5  PRO PRO A . n 
A 1 6  GLU 6  6  6  GLU GLU A . n 
A 1 7  ASP 7  7  7  ASP ASP A . n 
A 1 8  GLN 8  8  8  GLN GLN A . n 
A 1 9  GLY 9  9  9  GLY GLY A . n 
A 1 10 PRO 10 10 10 PRO PRO A . n 
A 1 11 GLN 11 11 11 GLN GLN A . n 
A 1 12 ARG 12 12 12 ARG ARG A . n 
A 1 13 GLU 13 13 13 GLU GLU A . n 
A 1 14 PRO 14 14 14 PRO PRO A . n 
A 1 15 TYR 15 15 15 TYR TYR A . n 
A 1 16 ASN 16 16 16 ASN ASN A . n 
A 1 17 ASP 17 17 17 ASP ASP A . n 
A 1 18 TRP 18 18 18 TRP TRP A . n 
A 1 19 THR 19 19 19 THR THR A . n 
A 1 20 LEU 20 20 20 LEU LEU A . n 
A 1 21 GLU 21 21 21 GLU GLU A . n 
A 1 22 LEU 22 22 22 LEU LEU A . n 
A 1 23 LEU 23 23 23 LEU LEU A . n 
A 1 24 GLU 24 24 24 GLU GLU A . n 
A 1 25 GLU 25 25 25 GLU GLU A . n 
A 1 26 LEU 26 26 26 LEU LEU A . n 
A 1 27 LYS 27 27 27 LYS LYS A . n 
A 1 28 ASN 28 28 28 ASN ASN A . n 
A 1 29 GLU 29 29 29 GLU GLU A . n 
A 1 30 ALA 30 30 30 ALA ALA A . n 
A 1 31 VAL 31 31 31 VAL VAL A . n 
A 1 32 ARG 32 32 32 ARG ARG A . n 
A 1 33 HIS 33 33 33 HIS HIS A . n 
A 1 34 PHE 34 34 34 PHE PHE A . n 
A 1 35 PRO 35 35 35 PRO PRO A . n 
A 1 36 ARG 36 36 36 ARG ARG A . n 
A 1 37 ILE 37 37 37 ILE ILE A . n 
A 1 38 TRP 38 38 38 TRP TRP A . n 
A 1 39 LEU 39 39 39 LEU LEU A . n 
A 1 40 HIS 40 40 40 HIS HIS A . n 
A 1 41 SER 41 41 41 SER SER A . n 
A 1 42 LEU 42 42 42 LEU LEU A . n 
A 1 43 GLY 43 43 43 GLY GLY A . n 
A 1 44 GLN 44 44 44 GLN GLN A . n 
A 1 45 HIS 45 45 45 HIS HIS A . n 
A 1 46 ILE 46 46 46 ILE ILE A . n 
A 1 47 TYR 47 47 47 TYR TYR A . n 
A 1 48 GLU 48 48 48 GLU GLU A . n 
A 1 49 THR 49 49 49 THR THR A . n 
A 1 50 TYR 50 50 50 TYR TYR A . n 
A 1 51 GLY 51 51 51 GLY GLY A . n 
# 
_cell.entry_id           1CEU 
_cell.length_a           1.000 
_cell.length_b           1.000 
_cell.length_c           1.000 
_cell.angle_alpha        90.00 
_cell.angle_beta         90.00 
_cell.angle_gamma        90.00 
_cell.Z_PDB              1 
_cell.pdbx_unique_axis   ? 
# 
_symmetry.entry_id                         1CEU 
_symmetry.space_group_name_H-M             'P 1' 
_symmetry.pdbx_full_space_group_name_H-M   ? 
_symmetry.cell_setting                     ? 
_symmetry.Int_Tables_number                1 
# 
_exptl.entry_id          1CEU 
_exptl.method            'SOLUTION NMR' 
_exptl.crystals_number   ? 
# 
_struct.entry_id                  1CEU 
_struct.title                     'NMR STRUCTURE OF THE (1-51) N-TERMINAL DOMAIN OF THE HIV-1 REGULATORY PROTEIN' 
_struct.pdbx_model_details        ? 
_struct.pdbx_CASP_flag            ? 
_struct.pdbx_model_type_details   ? 
# 
_struct_keywords.entry_id        1CEU 
_struct_keywords.pdbx_keywords   'VIRAL PROTEIN' 
_struct_keywords.text            'REGULATORY PROTEIN, HELICAL DOMAIN, AMPHIPATICITY, Viral protein' 
# 
_struct_asym.id                            A 
_struct_asym.pdbx_blank_PDB_chainid_flag   N 
_struct_asym.pdbx_modified                 N 
_struct_asym.entity_id                     1 
_struct_asym.details                       ? 
# 
_struct_ref.id                         1 
_struct_ref.db_name                    UNP 
_struct_ref.db_code                    Q73369_9HIV1 
_struct_ref.entity_id                  1 
_struct_ref.pdbx_db_accession          Q73369 
_struct_ref.pdbx_align_begin           ? 
_struct_ref.pdbx_seq_one_letter_code   ? 
_struct_ref.pdbx_db_isoform            ? 
# 
_struct_ref_seq.align_id                      1 
_struct_ref_seq.ref_id                        1 
_struct_ref_seq.pdbx_PDB_id_code              1CEU 
_struct_ref_seq.pdbx_strand_id                A 
_struct_ref_seq.seq_align_beg                 1 
_struct_ref_seq.pdbx_seq_align_beg_ins_code   ? 
_struct_ref_seq.seq_align_end                 51 
_struct_ref_seq.pdbx_seq_align_end_ins_code   ? 
_struct_ref_seq.pdbx_db_accession             Q73369 
_struct_ref_seq.db_align_beg                  1 
_struct_ref_seq.pdbx_db_align_beg_ins_code    ? 
_struct_ref_seq.db_align_end                  51 
_struct_ref_seq.pdbx_db_align_end_ins_code    ? 
_struct_ref_seq.pdbx_auth_seq_align_beg       1 
_struct_ref_seq.pdbx_auth_seq_align_end       51 
# 
_pdbx_struct_assembly.id                   1 
_pdbx_struct_assembly.details              author_defined_assembly 
_pdbx_struct_assembly.method_details       ? 
_pdbx_struct_assembly.oligomeric_details   monomeric 
_pdbx_struct_assembly.oligomeric_count     1 
# 
_pdbx_struct_assembly_gen.assembly_id       1 
_pdbx_struct_assembly_gen.oper_expression   1 
_pdbx_struct_assembly_gen.asym_id_list      A 
# 
_pdbx_struct_oper_list.id                   1 
_pdbx_struct_oper_list.type                 'identity operation' 
_pdbx_struct_oper_list.name                 1_555 
_pdbx_struct_oper_list.symmetry_operation   x,y,z 
_pdbx_struct_oper_list.matrix[1][1]         1.0000000000 
_pdbx_struct_oper_list.matrix[1][2]         0.0000000000 
_pdbx_struct_oper_list.matrix[1][3]         0.0000000000 
_pdbx_struct_oper_list.vector[1]            0.0000000000 
_pdbx_struct_oper_list.matrix[2][1]         0.0000000000 
_pdbx_struct_oper_list.matrix[2][2]         1.0000000000 
_pdbx_struct_oper_list.matrix[2][3]         0.0000000000 
_pdbx_struct_oper_list.vector[2]            0.0000000000 
_pdbx_struct_oper_list.matrix[3][1]         0.0000000000 
_pdbx_struct_oper_list.matrix[3][2]         0.0000000000 
_pdbx_struct_oper_list.matrix[3][3]         1.0000000000 
_pdbx_struct_oper_list.vector[3]            0.0000000000 
# 
_struct_biol.id   1 
# 
loop_
_struct_conf.conf_type_id 
_struct_conf.id 
_struct_conf.pdbx_PDB_helix_id 
_struct_conf.beg_label_comp_id 
_struct_conf.beg_label_asym_id 
_struct_conf.beg_label_seq_id 
_struct_conf.pdbx_beg_PDB_ins_code 
_struct_conf.end_label_comp_id 
_struct_conf.end_label_asym_id 
_struct_conf.end_label_seq_id 
_struct_conf.pdbx_end_PDB_ins_code 
_struct_conf.beg_auth_comp_id 
_struct_conf.beg_auth_asym_id 
_struct_conf.beg_auth_seq_id 
_struct_conf.end_auth_comp_id 
_struct_conf.end_auth_asym_id 
_struct_conf.end_auth_seq_id 
_struct_conf.pdbx_PDB_helix_class 
_struct_conf.details 
_struct_conf.pdbx_PDB_helix_length 
HELX_P HELX_P1 1 ASP A 17 ? VAL A 31 ? ASP A 17 VAL A 31 1 ? 15 
HELX_P HELX_P2 2 PRO A 35 ? TYR A 47 ? PRO A 35 TYR A 47 1 ? 13 
# 
_struct_conf_type.id          HELX_P 
_struct_conf_type.criteria    ? 
_struct_conf_type.reference   ? 
# 
loop_
_pdbx_validate_rmsd_bond.id 
_pdbx_validate_rmsd_bond.PDB_model_num 
_pdbx_validate_rmsd_bond.auth_atom_id_1 
_pdbx_validate_rmsd_bond.auth_asym_id_1 
_pdbx_validate_rmsd_bond.auth_comp_id_1 
_pdbx_validate_rmsd_bond.auth_seq_id_1 
_pdbx_validate_rmsd_bond.PDB_ins_code_1 
_pdbx_validate_rmsd_bond.label_alt_id_1 
_pdbx_validate_rmsd_bond.auth_atom_id_2 
_pdbx_validate_rmsd_bond.auth_asym_id_2 
_pdbx_validate_rmsd_bond.auth_comp_id_2 
_pdbx_validate_rmsd_bond.auth_seq_id_2 
_pdbx_validate_rmsd_bond.PDB_ins_code_2 
_pdbx_validate_rmsd_bond.label_alt_id_2 
_pdbx_validate_rmsd_bond.bond_value 
_pdbx_validate_rmsd_bond.bond_target_value 
_pdbx_validate_rmsd_bond.bond_deviation 
_pdbx_validate_rmsd_bond.bond_standard_deviation 
_pdbx_validate_rmsd_bond.linker_flag 
1 1 CD A GLU 2  ? ? OE2 A GLU 2  ? ? 1.364 1.252 0.112 0.011 N 
2 1 CD A GLU 6  ? ? OE2 A GLU 6  ? ? 1.364 1.252 0.112 0.011 N 
3 1 CD A GLU 13 ? ? OE2 A GLU 13 ? ? 1.365 1.252 0.113 0.011 N 
4 1 CD A GLU 21 ? ? OE2 A GLU 21 ? ? 1.366 1.252 0.114 0.011 N 
5 1 CD A GLU 24 ? ? OE2 A GLU 24 ? ? 1.364 1.252 0.112 0.011 N 
6 1 CD A GLU 25 ? ? OE2 A GLU 25 ? ? 1.364 1.252 0.112 0.011 N 
7 1 CD A GLU 29 ? ? OE2 A GLU 29 ? ? 1.366 1.252 0.114 0.011 N 
8 1 CD A GLU 48 ? ? OE2 A GLU 48 ? ? 1.364 1.252 0.112 0.011 N 
9 1 C  A GLY 51 ? ? OXT A GLY 51 ? ? 1.365 1.229 0.136 0.019 N 
# 
loop_
_pdbx_validate_torsion.id 
_pdbx_validate_torsion.PDB_model_num 
_pdbx_validate_torsion.auth_comp_id 
_pdbx_validate_torsion.auth_asym_id 
_pdbx_validate_torsion.auth_seq_id 
_pdbx_validate_torsion.PDB_ins_code 
_pdbx_validate_torsion.label_alt_id 
_pdbx_validate_torsion.phi 
_pdbx_validate_torsion.psi 
1 1 GLU A 2  ? ? -154.30 48.15  
2 1 ASP A 7  ? ? 64.39   105.98 
3 1 GLU A 13 ? ? -170.94 72.72  
4 1 ARG A 32 ? ? -141.77 -68.12 
5 1 HIS A 33 ? ? -101.35 63.93  
6 1 HIS A 45 ? ? -83.34  44.95  
7 1 ILE A 46 ? ? -142.97 -59.99 
# 
_pdbx_nmr_ensemble.entry_id                                      1CEU 
_pdbx_nmr_ensemble.conformers_calculated_total_number            16 
_pdbx_nmr_ensemble.conformers_submitted_total_number             1 
_pdbx_nmr_ensemble.conformer_selection_criteria                  'LEAST RESTRAINT VIOLATIONS, LOWEST TOTAL ENERGY' 
_pdbx_nmr_ensemble.average_constraints_per_residue               ? 
_pdbx_nmr_ensemble.average_constraint_violations_per_residue     ? 
_pdbx_nmr_ensemble.maximum_distance_constraint_violation         ? 
_pdbx_nmr_ensemble.average_distance_constraint_violation         ? 
_pdbx_nmr_ensemble.maximum_upper_distance_constraint_violation   ? 
_pdbx_nmr_ensemble.maximum_lower_distance_constraint_violation   ? 
_pdbx_nmr_ensemble.distance_constraint_violation_method          ? 
_pdbx_nmr_ensemble.maximum_torsion_angle_constraint_violation    ? 
_pdbx_nmr_ensemble.average_torsion_angle_constraint_violation    ? 
_pdbx_nmr_ensemble.torsion_angle_constraint_violation_method     ? 
# 
_pdbx_nmr_exptl_sample_conditions.conditions_id       1 
_pdbx_nmr_exptl_sample_conditions.temperature         323 
_pdbx_nmr_exptl_sample_conditions.pressure            1 
_pdbx_nmr_exptl_sample_conditions.pH                  3.4 
_pdbx_nmr_exptl_sample_conditions.ionic_strength      ? 
_pdbx_nmr_exptl_sample_conditions.pressure_units      atm 
_pdbx_nmr_exptl_sample_conditions.temperature_units   K 
# 
loop_
_pdbx_nmr_exptl.experiment_id 
_pdbx_nmr_exptl.conditions_id 
_pdbx_nmr_exptl.type 
_pdbx_nmr_exptl.solution_id 
1 1 NOESY  1 
2 1 TOCSY  1 
3 1 E.COSY 1 
# 
_pdbx_nmr_details.entry_id   1CEU 
_pdbx_nmr_details.text       'THE STRUCTURE WAS DETERMINED USING 1H-NMR SPECTROSCOPY ON THE N-TERMINAL DOMAIN (1-51)VPR.' 
# 
_pdbx_nmr_refine.entry_id           1CEU 
_pdbx_nmr_refine.method             'DYNAMICAL SIMULATED ANNEALING, MOLECULAR DYNAMICS, ENERGY MINIMIZATION' 
_pdbx_nmr_refine.details            
;FIFTY STRUCTURES WERE GENERATED BY SIMULATED ANNEALING AND ENERGY MINIMIZATION. THE BEST STRUCTURE SELECTED WITH RESPECT TO RESTRAINT VIOLATIONS AND TOTAL ENERGY IS PRESENTED IN THIS ENTRY.
;
_pdbx_nmr_refine.software_ordinal   1 
# 
loop_
_pdbx_nmr_software.classification 
_pdbx_nmr_software.name 
_pdbx_nmr_software.version 
_pdbx_nmr_software.authors 
_pdbx_nmr_software.ordinal 
refinement           Discover           ? BIOSYM 1 
'structure solution' BUXNMR             ? BRUKER 2 
'structure solution' 'BIOSYM/MSI FELIX' ? ?      3 
# 
loop_
_chem_comp_atom.comp_id 
_chem_comp_atom.atom_id 
_chem_comp_atom.type_symbol 
_chem_comp_atom.pdbx_aromatic_flag 
_chem_comp_atom.pdbx_stereo_config 
_chem_comp_atom.pdbx_ordinal 
ALA N    N N N 1   
ALA CA   C N S 2   
ALA C    C N N 3   
ALA O    O N N 4   
ALA CB   C N N 5   
ALA OXT  O N N 6   
ALA H    H N N 7   
ALA H2   H N N 8   
ALA HA   H N N 9   
ALA HB1  H N N 10  
ALA HB2  H N N 11  
ALA HB3  H N N 12  
ALA HXT  H N N 13  
ARG N    N N N 14  
ARG CA   C N S 15  
ARG C    C N N 16  
ARG O    O N N 17  
ARG CB   C N N 18  
ARG CG   C N N 19  
ARG CD   C N N 20  
ARG NE   N N N 21  
ARG CZ   C N N 22  
ARG NH1  N N N 23  
ARG NH2  N N N 24  
ARG OXT  O N N 25  
ARG H    H N N 26  
ARG H2   H N N 27  
ARG HA   H N N 28  
ARG HB2  H N N 29  
ARG HB3  H N N 30  
ARG HG2  H N N 31  
ARG HG3  H N N 32  
ARG HD2  H N N 33  
ARG HD3  H N N 34  
ARG HE   H N N 35  
ARG HH11 H N N 36  
ARG HH12 H N N 37  
ARG HH21 H N N 38  
ARG HH22 H N N 39  
ARG HXT  H N N 40  
ASN N    N N N 41  
ASN CA   C N S 42  
ASN C    C N N 43  
ASN O    O N N 44  
ASN CB   C N N 45  
ASN CG   C N N 46  
ASN OD1  O N N 47  
ASN ND2  N N N 48  
ASN OXT  O N N 49  
ASN H    H N N 50  
ASN H2   H N N 51  
ASN HA   H N N 52  
ASN HB2  H N N 53  
ASN HB3  H N N 54  
ASN HD21 H N N 55  
ASN HD22 H N N 56  
ASN HXT  H N N 57  
ASP N    N N N 58  
ASP CA   C N S 59  
ASP C    C N N 60  
ASP O    O N N 61  
ASP CB   C N N 62  
ASP CG   C N N 63  
ASP OD1  O N N 64  
ASP OD2  O N N 65  
ASP OXT  O N N 66  
ASP H    H N N 67  
ASP H2   H N N 68  
ASP HA   H N N 69  
ASP HB2  H N N 70  
ASP HB3  H N N 71  
ASP HD2  H N N 72  
ASP HXT  H N N 73  
GLN N    N N N 74  
GLN CA   C N S 75  
GLN C    C N N 76  
GLN O    O N N 77  
GLN CB   C N N 78  
GLN CG   C N N 79  
GLN CD   C N N 80  
GLN OE1  O N N 81  
GLN NE2  N N N 82  
GLN OXT  O N N 83  
GLN H    H N N 84  
GLN H2   H N N 85  
GLN HA   H N N 86  
GLN HB2  H N N 87  
GLN HB3  H N N 88  
GLN HG2  H N N 89  
GLN HG3  H N N 90  
GLN HE21 H N N 91  
GLN HE22 H N N 92  
GLN HXT  H N N 93  
GLU N    N N N 94  
GLU CA   C N S 95  
GLU C    C N N 96  
GLU O    O N N 97  
GLU CB   C N N 98  
GLU CG   C N N 99  
GLU CD   C N N 100 
GLU OE1  O N N 101 
GLU OE2  O N N 102 
GLU OXT  O N N 103 
GLU H    H N N 104 
GLU H2   H N N 105 
GLU HA   H N N 106 
GLU HB2  H N N 107 
GLU HB3  H N N 108 
GLU HG2  H N N 109 
GLU HG3  H N N 110 
GLU HE2  H N N 111 
GLU HXT  H N N 112 
GLY N    N N N 113 
GLY CA   C N N 114 
GLY C    C N N 115 
GLY O    O N N 116 
GLY OXT  O N N 117 
GLY H    H N N 118 
GLY H2   H N N 119 
GLY HA2  H N N 120 
GLY HA3  H N N 121 
GLY HXT  H N N 122 
HIS N    N N N 123 
HIS CA   C N S 124 
HIS C    C N N 125 
HIS O    O N N 126 
HIS CB   C N N 127 
HIS CG   C Y N 128 
HIS ND1  N Y N 129 
HIS CD2  C Y N 130 
HIS CE1  C Y N 131 
HIS NE2  N Y N 132 
HIS OXT  O N N 133 
HIS H    H N N 134 
HIS H2   H N N 135 
HIS HA   H N N 136 
HIS HB2  H N N 137 
HIS HB3  H N N 138 
HIS HD1  H N N 139 
HIS HD2  H N N 140 
HIS HE1  H N N 141 
HIS HE2  H N N 142 
HIS HXT  H N N 143 
ILE N    N N N 144 
ILE CA   C N S 145 
ILE C    C N N 146 
ILE O    O N N 147 
ILE CB   C N S 148 
ILE CG1  C N N 149 
ILE CG2  C N N 150 
ILE CD1  C N N 151 
ILE OXT  O N N 152 
ILE H    H N N 153 
ILE H2   H N N 154 
ILE HA   H N N 155 
ILE HB   H N N 156 
ILE HG12 H N N 157 
ILE HG13 H N N 158 
ILE HG21 H N N 159 
ILE HG22 H N N 160 
ILE HG23 H N N 161 
ILE HD11 H N N 162 
ILE HD12 H N N 163 
ILE HD13 H N N 164 
ILE HXT  H N N 165 
LEU N    N N N 166 
LEU CA   C N S 167 
LEU C    C N N 168 
LEU O    O N N 169 
LEU CB   C N N 170 
LEU CG   C N N 171 
LEU CD1  C N N 172 
LEU CD2  C N N 173 
LEU OXT  O N N 174 
LEU H    H N N 175 
LEU H2   H N N 176 
LEU HA   H N N 177 
LEU HB2  H N N 178 
LEU HB3  H N N 179 
LEU HG   H N N 180 
LEU HD11 H N N 181 
LEU HD12 H N N 182 
LEU HD13 H N N 183 
LEU HD21 H N N 184 
LEU HD22 H N N 185 
LEU HD23 H N N 186 
LEU HXT  H N N 187 
LYS N    N N N 188 
LYS CA   C N S 189 
LYS C    C N N 190 
LYS O    O N N 191 
LYS CB   C N N 192 
LYS CG   C N N 193 
LYS CD   C N N 194 
LYS CE   C N N 195 
LYS NZ   N N N 196 
LYS OXT  O N N 197 
LYS H    H N N 198 
LYS H2   H N N 199 
LYS HA   H N N 200 
LYS HB2  H N N 201 
LYS HB3  H N N 202 
LYS HG2  H N N 203 
LYS HG3  H N N 204 
LYS HD2  H N N 205 
LYS HD3  H N N 206 
LYS HE2  H N N 207 
LYS HE3  H N N 208 
LYS HZ1  H N N 209 
LYS HZ2  H N N 210 
LYS HZ3  H N N 211 
LYS HXT  H N N 212 
MET N    N N N 213 
MET CA   C N S 214 
MET C    C N N 215 
MET O    O N N 216 
MET CB   C N N 217 
MET CG   C N N 218 
MET SD   S N N 219 
MET CE   C N N 220 
MET OXT  O N N 221 
MET H    H N N 222 
MET H2   H N N 223 
MET HA   H N N 224 
MET HB2  H N N 225 
MET HB3  H N N 226 
MET HG2  H N N 227 
MET HG3  H N N 228 
MET HE1  H N N 229 
MET HE2  H N N 230 
MET HE3  H N N 231 
MET HXT  H N N 232 
PHE N    N N N 233 
PHE CA   C N S 234 
PHE C    C N N 235 
PHE O    O N N 236 
PHE CB   C N N 237 
PHE CG   C Y N 238 
PHE CD1  C Y N 239 
PHE CD2  C Y N 240 
PHE CE1  C Y N 241 
PHE CE2  C Y N 242 
PHE CZ   C Y N 243 
PHE OXT  O N N 244 
PHE H    H N N 245 
PHE H2   H N N 246 
PHE HA   H N N 247 
PHE HB2  H N N 248 
PHE HB3  H N N 249 
PHE HD1  H N N 250 
PHE HD2  H N N 251 
PHE HE1  H N N 252 
PHE HE2  H N N 253 
PHE HZ   H N N 254 
PHE HXT  H N N 255 
PRO N    N N N 256 
PRO CA   C N S 257 
PRO C    C N N 258 
PRO O    O N N 259 
PRO CB   C N N 260 
PRO CG   C N N 261 
PRO CD   C N N 262 
PRO OXT  O N N 263 
PRO H    H N N 264 
PRO HA   H N N 265 
PRO HB2  H N N 266 
PRO HB3  H N N 267 
PRO HG2  H N N 268 
PRO HG3  H N N 269 
PRO HD2  H N N 270 
PRO HD3  H N N 271 
PRO HXT  H N N 272 
SER N    N N N 273 
SER CA   C N S 274 
SER C    C N N 275 
SER O    O N N 276 
SER CB   C N N 277 
SER OG   O N N 278 
SER OXT  O N N 279 
SER H    H N N 280 
SER H2   H N N 281 
SER HA   H N N 282 
SER HB2  H N N 283 
SER HB3  H N N 284 
SER HG   H N N 285 
SER HXT  H N N 286 
THR N    N N N 287 
THR CA   C N S 288 
THR C    C N N 289 
THR O    O N N 290 
THR CB   C N R 291 
THR OG1  O N N 292 
THR CG2  C N N 293 
THR OXT  O N N 294 
THR H    H N N 295 
THR H2   H N N 296 
THR HA   H N N 297 
THR HB   H N N 298 
THR HG1  H N N 299 
THR HG21 H N N 300 
THR HG22 H N N 301 
THR HG23 H N N 302 
THR HXT  H N N 303 
TRP N    N N N 304 
TRP CA   C N S 305 
TRP C    C N N 306 
TRP O    O N N 307 
TRP CB   C N N 308 
TRP CG   C Y N 309 
TRP CD1  C Y N 310 
TRP CD2  C Y N 311 
TRP NE1  N Y N 312 
TRP CE2  C Y N 313 
TRP CE3  C Y N 314 
TRP CZ2  C Y N 315 
TRP CZ3  C Y N 316 
TRP CH2  C Y N 317 
TRP OXT  O N N 318 
TRP H    H N N 319 
TRP H2   H N N 320 
TRP HA   H N N 321 
TRP HB2  H N N 322 
TRP HB3  H N N 323 
TRP HD1  H N N 324 
TRP HE1  H N N 325 
TRP HE3  H N N 326 
TRP HZ2  H N N 327 
TRP HZ3  H N N 328 
TRP HH2  H N N 329 
TRP HXT  H N N 330 
TYR N    N N N 331 
TYR CA   C N S 332 
TYR C    C N N 333 
TYR O    O N N 334 
TYR CB   C N N 335 
TYR CG   C Y N 336 
TYR CD1  C Y N 337 
TYR CD2  C Y N 338 
TYR CE1  C Y N 339 
TYR CE2  C Y N 340 
TYR CZ   C Y N 341 
TYR OH   O N N 342 
TYR OXT  O N N 343 
TYR H    H N N 344 
TYR H2   H N N 345 
TYR HA   H N N 346 
TYR HB2  H N N 347 
TYR HB3  H N N 348 
TYR HD1  H N N 349 
TYR HD2  H N N 350 
TYR HE1  H N N 351 
TYR HE2  H N N 352 
TYR HH   H N N 353 
TYR HXT  H N N 354 
VAL N    N N N 355 
VAL CA   C N S 356 
VAL C    C N N 357 
VAL O    O N N 358 
VAL CB   C N N 359 
VAL CG1  C N N 360 
VAL CG2  C N N 361 
VAL OXT  O N N 362 
VAL H    H N N 363 
VAL H2   H N N 364 
VAL HA   H N N 365 
VAL HB   H N N 366 
VAL HG11 H N N 367 
VAL HG12 H N N 368 
VAL HG13 H N N 369 
VAL HG21 H N N 370 
VAL HG22 H N N 371 
VAL HG23 H N N 372 
VAL HXT  H N N 373 
# 
loop_
_chem_comp_bond.comp_id 
_chem_comp_bond.atom_id_1 
_chem_comp_bond.atom_id_2 
_chem_comp_bond.value_order 
_chem_comp_bond.pdbx_aromatic_flag 
_chem_comp_bond.pdbx_stereo_config 
_chem_comp_bond.pdbx_ordinal 
ALA N   CA   sing N N 1   
ALA N   H    sing N N 2   
ALA N   H2   sing N N 3   
ALA CA  C    sing N N 4   
ALA CA  CB   sing N N 5   
ALA CA  HA   sing N N 6   
ALA C   O    doub N N 7   
ALA C   OXT  sing N N 8   
ALA CB  HB1  sing N N 9   
ALA CB  HB2  sing N N 10  
ALA CB  HB3  sing N N 11  
ALA OXT HXT  sing N N 12  
ARG N   CA   sing N N 13  
ARG N   H    sing N N 14  
ARG N   H2   sing N N 15  
ARG CA  C    sing N N 16  
ARG CA  CB   sing N N 17  
ARG CA  HA   sing N N 18  
ARG C   O    doub N N 19  
ARG C   OXT  sing N N 20  
ARG CB  CG   sing N N 21  
ARG CB  HB2  sing N N 22  
ARG CB  HB3  sing N N 23  
ARG CG  CD   sing N N 24  
ARG CG  HG2  sing N N 25  
ARG CG  HG3  sing N N 26  
ARG CD  NE   sing N N 27  
ARG CD  HD2  sing N N 28  
ARG CD  HD3  sing N N 29  
ARG NE  CZ   sing N N 30  
ARG NE  HE   sing N N 31  
ARG CZ  NH1  sing N N 32  
ARG CZ  NH2  doub N N 33  
ARG NH1 HH11 sing N N 34  
ARG NH1 HH12 sing N N 35  
ARG NH2 HH21 sing N N 36  
ARG NH2 HH22 sing N N 37  
ARG OXT HXT  sing N N 38  
ASN N   CA   sing N N 39  
ASN N   H    sing N N 40  
ASN N   H2   sing N N 41  
ASN CA  C    sing N N 42  
ASN CA  CB   sing N N 43  
ASN CA  HA   sing N N 44  
ASN C   O    doub N N 45  
ASN C   OXT  sing N N 46  
ASN CB  CG   sing N N 47  
ASN CB  HB2  sing N N 48  
ASN CB  HB3  sing N N 49  
ASN CG  OD1  doub N N 50  
ASN CG  ND2  sing N N 51  
ASN ND2 HD21 sing N N 52  
ASN ND2 HD22 sing N N 53  
ASN OXT HXT  sing N N 54  
ASP N   CA   sing N N 55  
ASP N   H    sing N N 56  
ASP N   H2   sing N N 57  
ASP CA  C    sing N N 58  
ASP CA  CB   sing N N 59  
ASP CA  HA   sing N N 60  
ASP C   O    doub N N 61  
ASP C   OXT  sing N N 62  
ASP CB  CG   sing N N 63  
ASP CB  HB2  sing N N 64  
ASP CB  HB3  sing N N 65  
ASP CG  OD1  doub N N 66  
ASP CG  OD2  sing N N 67  
ASP OD2 HD2  sing N N 68  
ASP OXT HXT  sing N N 69  
GLN N   CA   sing N N 70  
GLN N   H    sing N N 71  
GLN N   H2   sing N N 72  
GLN CA  C    sing N N 73  
GLN CA  CB   sing N N 74  
GLN CA  HA   sing N N 75  
GLN C   O    doub N N 76  
GLN C   OXT  sing N N 77  
GLN CB  CG   sing N N 78  
GLN CB  HB2  sing N N 79  
GLN CB  HB3  sing N N 80  
GLN CG  CD   sing N N 81  
GLN CG  HG2  sing N N 82  
GLN CG  HG3  sing N N 83  
GLN CD  OE1  doub N N 84  
GLN CD  NE2  sing N N 85  
GLN NE2 HE21 sing N N 86  
GLN NE2 HE22 sing N N 87  
GLN OXT HXT  sing N N 88  
GLU N   CA   sing N N 89  
GLU N   H    sing N N 90  
GLU N   H2   sing N N 91  
GLU CA  C    sing N N 92  
GLU CA  CB   sing N N 93  
GLU CA  HA   sing N N 94  
GLU C   O    doub N N 95  
GLU C   OXT  sing N N 96  
GLU CB  CG   sing N N 97  
GLU CB  HB2  sing N N 98  
GLU CB  HB3  sing N N 99  
GLU CG  CD   sing N N 100 
GLU CG  HG2  sing N N 101 
GLU CG  HG3  sing N N 102 
GLU CD  OE1  doub N N 103 
GLU CD  OE2  sing N N 104 
GLU OE2 HE2  sing N N 105 
GLU OXT HXT  sing N N 106 
GLY N   CA   sing N N 107 
GLY N   H    sing N N 108 
GLY N   H2   sing N N 109 
GLY CA  C    sing N N 110 
GLY CA  HA2  sing N N 111 
GLY CA  HA3  sing N N 112 
GLY C   O    doub N N 113 
GLY C   OXT  sing N N 114 
GLY OXT HXT  sing N N 115 
HIS N   CA   sing N N 116 
HIS N   H    sing N N 117 
HIS N   H2   sing N N 118 
HIS CA  C    sing N N 119 
HIS CA  CB   sing N N 120 
HIS CA  HA   sing N N 121 
HIS C   O    doub N N 122 
HIS C   OXT  sing N N 123 
HIS CB  CG   sing N N 124 
HIS CB  HB2  sing N N 125 
HIS CB  HB3  sing N N 126 
HIS CG  ND1  sing Y N 127 
HIS CG  CD2  doub Y N 128 
HIS ND1 CE1  doub Y N 129 
HIS ND1 HD1  sing N N 130 
HIS CD2 NE2  sing Y N 131 
HIS CD2 HD2  sing N N 132 
HIS CE1 NE2  sing Y N 133 
HIS CE1 HE1  sing N N 134 
HIS NE2 HE2  sing N N 135 
HIS OXT HXT  sing N N 136 
ILE N   CA   sing N N 137 
ILE N   H    sing N N 138 
ILE N   H2   sing N N 139 
ILE CA  C    sing N N 140 
ILE CA  CB   sing N N 141 
ILE CA  HA   sing N N 142 
ILE C   O    doub N N 143 
ILE C   OXT  sing N N 144 
ILE CB  CG1  sing N N 145 
ILE CB  CG2  sing N N 146 
ILE CB  HB   sing N N 147 
ILE CG1 CD1  sing N N 148 
ILE CG1 HG12 sing N N 149 
ILE CG1 HG13 sing N N 150 
ILE CG2 HG21 sing N N 151 
ILE CG2 HG22 sing N N 152 
ILE CG2 HG23 sing N N 153 
ILE CD1 HD11 sing N N 154 
ILE CD1 HD12 sing N N 155 
ILE CD1 HD13 sing N N 156 
ILE OXT HXT  sing N N 157 
LEU N   CA   sing N N 158 
LEU N   H    sing N N 159 
LEU N   H2   sing N N 160 
LEU CA  C    sing N N 161 
LEU CA  CB   sing N N 162 
LEU CA  HA   sing N N 163 
LEU C   O    doub N N 164 
LEU C   OXT  sing N N 165 
LEU CB  CG   sing N N 166 
LEU CB  HB2  sing N N 167 
LEU CB  HB3  sing N N 168 
LEU CG  CD1  sing N N 169 
LEU CG  CD2  sing N N 170 
LEU CG  HG   sing N N 171 
LEU CD1 HD11 sing N N 172 
LEU CD1 HD12 sing N N 173 
LEU CD1 HD13 sing N N 174 
LEU CD2 HD21 sing N N 175 
LEU CD2 HD22 sing N N 176 
LEU CD2 HD23 sing N N 177 
LEU OXT HXT  sing N N 178 
LYS N   CA   sing N N 179 
LYS N   H    sing N N 180 
LYS N   H2   sing N N 181 
LYS CA  C    sing N N 182 
LYS CA  CB   sing N N 183 
LYS CA  HA   sing N N 184 
LYS C   O    doub N N 185 
LYS C   OXT  sing N N 186 
LYS CB  CG   sing N N 187 
LYS CB  HB2  sing N N 188 
LYS CB  HB3  sing N N 189 
LYS CG  CD   sing N N 190 
LYS CG  HG2  sing N N 191 
LYS CG  HG3  sing N N 192 
LYS CD  CE   sing N N 193 
LYS CD  HD2  sing N N 194 
LYS CD  HD3  sing N N 195 
LYS CE  NZ   sing N N 196 
LYS CE  HE2  sing N N 197 
LYS CE  HE3  sing N N 198 
LYS NZ  HZ1  sing N N 199 
LYS NZ  HZ2  sing N N 200 
LYS NZ  HZ3  sing N N 201 
LYS OXT HXT  sing N N 202 
MET N   CA   sing N N 203 
MET N   H    sing N N 204 
MET N   H2   sing N N 205 
MET CA  C    sing N N 206 
MET CA  CB   sing N N 207 
MET CA  HA   sing N N 208 
MET C   O    doub N N 209 
MET C   OXT  sing N N 210 
MET CB  CG   sing N N 211 
MET CB  HB2  sing N N 212 
MET CB  HB3  sing N N 213 
MET CG  SD   sing N N 214 
MET CG  HG2  sing N N 215 
MET CG  HG3  sing N N 216 
MET SD  CE   sing N N 217 
MET CE  HE1  sing N N 218 
MET CE  HE2  sing N N 219 
MET CE  HE3  sing N N 220 
MET OXT HXT  sing N N 221 
PHE N   CA   sing N N 222 
PHE N   H    sing N N 223 
PHE N   H2   sing N N 224 
PHE CA  C    sing N N 225 
PHE CA  CB   sing N N 226 
PHE CA  HA   sing N N 227 
PHE C   O    doub N N 228 
PHE C   OXT  sing N N 229 
PHE CB  CG   sing N N 230 
PHE CB  HB2  sing N N 231 
PHE CB  HB3  sing N N 232 
PHE CG  CD1  doub Y N 233 
PHE CG  CD2  sing Y N 234 
PHE CD1 CE1  sing Y N 235 
PHE CD1 HD1  sing N N 236 
PHE CD2 CE2  doub Y N 237 
PHE CD2 HD2  sing N N 238 
PHE CE1 CZ   doub Y N 239 
PHE CE1 HE1  sing N N 240 
PHE CE2 CZ   sing Y N 241 
PHE CE2 HE2  sing N N 242 
PHE CZ  HZ   sing N N 243 
PHE OXT HXT  sing N N 244 
PRO N   CA   sing N N 245 
PRO N   CD   sing N N 246 
PRO N   H    sing N N 247 
PRO CA  C    sing N N 248 
PRO CA  CB   sing N N 249 
PRO CA  HA   sing N N 250 
PRO C   O    doub N N 251 
PRO C   OXT  sing N N 252 
PRO CB  CG   sing N N 253 
PRO CB  HB2  sing N N 254 
PRO CB  HB3  sing N N 255 
PRO CG  CD   sing N N 256 
PRO CG  HG2  sing N N 257 
PRO CG  HG3  sing N N 258 
PRO CD  HD2  sing N N 259 
PRO CD  HD3  sing N N 260 
PRO OXT HXT  sing N N 261 
SER N   CA   sing N N 262 
SER N   H    sing N N 263 
SER N   H2   sing N N 264 
SER CA  C    sing N N 265 
SER CA  CB   sing N N 266 
SER CA  HA   sing N N 267 
SER C   O    doub N N 268 
SER C   OXT  sing N N 269 
SER CB  OG   sing N N 270 
SER CB  HB2  sing N N 271 
SER CB  HB3  sing N N 272 
SER OG  HG   sing N N 273 
SER OXT HXT  sing N N 274 
THR N   CA   sing N N 275 
THR N   H    sing N N 276 
THR N   H2   sing N N 277 
THR CA  C    sing N N 278 
THR CA  CB   sing N N 279 
THR CA  HA   sing N N 280 
THR C   O    doub N N 281 
THR C   OXT  sing N N 282 
THR CB  OG1  sing N N 283 
THR CB  CG2  sing N N 284 
THR CB  HB   sing N N 285 
THR OG1 HG1  sing N N 286 
THR CG2 HG21 sing N N 287 
THR CG2 HG22 sing N N 288 
THR CG2 HG23 sing N N 289 
THR OXT HXT  sing N N 290 
TRP N   CA   sing N N 291 
TRP N   H    sing N N 292 
TRP N   H2   sing N N 293 
TRP CA  C    sing N N 294 
TRP CA  CB   sing N N 295 
TRP CA  HA   sing N N 296 
TRP C   O    doub N N 297 
TRP C   OXT  sing N N 298 
TRP CB  CG   sing N N 299 
TRP CB  HB2  sing N N 300 
TRP CB  HB3  sing N N 301 
TRP CG  CD1  doub Y N 302 
TRP CG  CD2  sing Y N 303 
TRP CD1 NE1  sing Y N 304 
TRP CD1 HD1  sing N N 305 
TRP CD2 CE2  doub Y N 306 
TRP CD2 CE3  sing Y N 307 
TRP NE1 CE2  sing Y N 308 
TRP NE1 HE1  sing N N 309 
TRP CE2 CZ2  sing Y N 310 
TRP CE3 CZ3  doub Y N 311 
TRP CE3 HE3  sing N N 312 
TRP CZ2 CH2  doub Y N 313 
TRP CZ2 HZ2  sing N N 314 
TRP CZ3 CH2  sing Y N 315 
TRP CZ3 HZ3  sing N N 316 
TRP CH2 HH2  sing N N 317 
TRP OXT HXT  sing N N 318 
TYR N   CA   sing N N 319 
TYR N   H    sing N N 320 
TYR N   H2   sing N N 321 
TYR CA  C    sing N N 322 
TYR CA  CB   sing N N 323 
TYR CA  HA   sing N N 324 
TYR C   O    doub N N 325 
TYR C   OXT  sing N N 326 
TYR CB  CG   sing N N 327 
TYR CB  HB2  sing N N 328 
TYR CB  HB3  sing N N 329 
TYR CG  CD1  doub Y N 330 
TYR CG  CD2  sing Y N 331 
TYR CD1 CE1  sing Y N 332 
TYR CD1 HD1  sing N N 333 
TYR CD2 CE2  doub Y N 334 
TYR CD2 HD2  sing N N 335 
TYR CE1 CZ   doub Y N 336 
TYR CE1 HE1  sing N N 337 
TYR CE2 CZ   sing Y N 338 
TYR CE2 HE2  sing N N 339 
TYR CZ  OH   sing N N 340 
TYR OH  HH   sing N N 341 
TYR OXT HXT  sing N N 342 
VAL N   CA   sing N N 343 
VAL N   H    sing N N 344 
VAL N   H2   sing N N 345 
VAL CA  C    sing N N 346 
VAL CA  CB   sing N N 347 
VAL CA  HA   sing N N 348 
VAL C   O    doub N N 349 
VAL C   OXT  sing N N 350 
VAL CB  CG1  sing N N 351 
VAL CB  CG2  sing N N 352 
VAL CB  HB   sing N N 353 
VAL CG1 HG11 sing N N 354 
VAL CG1 HG12 sing N N 355 
VAL CG1 HG13 sing N N 356 
VAL CG2 HG21 sing N N 357 
VAL CG2 HG22 sing N N 358 
VAL CG2 HG23 sing N N 359 
VAL OXT HXT  sing N N 360 
# 
_pdbx_nmr_spectrometer.spectrometer_id   1 
_pdbx_nmr_spectrometer.model             AMX600 
_pdbx_nmr_spectrometer.manufacturer      Bruker 
_pdbx_nmr_spectrometer.field_strength    600 
_pdbx_nmr_spectrometer.type              ? 
# 
_atom_sites.entry_id                    1CEU 
_atom_sites.fract_transf_matrix[1][1]   1.000000 
_atom_sites.fract_transf_matrix[1][2]   0.000000 
_atom_sites.fract_transf_matrix[1][3]   0.000000 
_atom_sites.fract_transf_matrix[2][1]   0.000000 
_atom_sites.fract_transf_matrix[2][2]   1.000000 
_atom_sites.fract_transf_matrix[2][3]   0.000000 
_atom_sites.fract_transf_matrix[3][1]   0.000000 
_atom_sites.fract_transf_matrix[3][2]   0.000000 
_atom_sites.fract_transf_matrix[3][3]   1.000000 
_atom_sites.fract_transf_vector[1]      0.00000 
_atom_sites.fract_transf_vector[2]      0.00000 
_atom_sites.fract_transf_vector[3]      0.00000 
# 
loop_
_atom_type.symbol 
C 
H 
N 
O 
S 
# 
loop_
_atom_site.group_PDB 
_atom_site.id 
_atom_site.type_symbol 
_atom_site.label_atom_id 
_atom_site.label_alt_id 
_atom_site.label_comp_id 
_atom_site.label_asym_id 
_atom_site.label_entity_id 
_atom_site.label_seq_id 
_atom_site.pdbx_PDB_ins_code 
_atom_site.Cartn_x 
_atom_site.Cartn_y 
_atom_site.Cartn_z 
_atom_site.occupancy 
_atom_site.B_iso_or_equiv 
_atom_site.pdbx_formal_charge 
_atom_site.auth_seq_id 
_atom_site.auth_comp_id 
_atom_site.auth_asym_id 
_atom_site.auth_atom_id 
_atom_site.pdbx_PDB_model_num 
ATOM 1   N N    . MET A 1 1  ? -20.239 7.328   -13.202 1.00 0.00 ? 1  MET A N    1 
ATOM 2   C CA   . MET A 1 1  ? -18.987 6.899   -12.551 1.00 0.00 ? 1  MET A CA   1 
ATOM 3   C C    . MET A 1 1  ? -18.248 8.104   -11.957 1.00 0.00 ? 1  MET A C    1 
ATOM 4   O O    . MET A 1 1  ? -17.921 9.048   -12.676 1.00 0.00 ? 1  MET A O    1 
ATOM 5   C CB   . MET A 1 1  ? -18.058 6.118   -13.503 1.00 0.00 ? 1  MET A CB   1 
ATOM 6   C CG   . MET A 1 1  ? -18.601 4.746   -13.938 1.00 0.00 ? 1  MET A CG   1 
ATOM 7   S SD   . MET A 1 1  ? -19.875 4.759   -15.235 1.00 0.00 ? 1  MET A SD   1 
ATOM 8   C CE   . MET A 1 1  ? -20.174 2.977   -15.391 1.00 0.00 ? 1  MET A CE   1 
ATOM 9   H H1   . MET A 1 1  ? -20.022 7.870   -14.027 1.00 0.00 ? 1  MET A H1   1 
ATOM 10  H H2   . MET A 1 1  ? -20.770 7.895   -12.557 1.00 0.00 ? 1  MET A H2   1 
ATOM 11  H H3   . MET A 1 1  ? -20.789 6.521   -13.458 1.00 0.00 ? 1  MET A H3   1 
ATOM 12  H HA   . MET A 1 1  ? -19.280 6.227   -11.743 1.00 0.00 ? 1  MET A HA   1 
ATOM 13  H HB2  . MET A 1 1  ? -17.830 6.717   -14.387 1.00 0.00 ? 1  MET A HB2  1 
ATOM 14  H HB3  . MET A 1 1  ? -17.119 5.935   -12.975 1.00 0.00 ? 1  MET A HB3  1 
ATOM 15  H HG2  . MET A 1 1  ? -17.763 4.167   -14.328 1.00 0.00 ? 1  MET A HG2  1 
ATOM 16  H HG3  . MET A 1 1  ? -18.988 4.221   -13.064 1.00 0.00 ? 1  MET A HG3  1 
ATOM 17  H HE1  . MET A 1 1  ? -20.524 2.576   -14.440 1.00 0.00 ? 1  MET A HE1  1 
ATOM 18  H HE2  . MET A 1 1  ? -20.933 2.805   -16.155 1.00 0.00 ? 1  MET A HE2  1 
ATOM 19  H HE3  . MET A 1 1  ? -19.252 2.472   -15.681 1.00 0.00 ? 1  MET A HE3  1 
ATOM 20  N N    . GLU A 1 2  ? -17.993 8.063   -10.641 1.00 0.00 ? 2  GLU A N    1 
ATOM 21  C CA   . GLU A 1 2  ? -17.328 9.114   -9.876  1.00 0.00 ? 2  GLU A CA   1 
ATOM 22  C C    . GLU A 1 2  ? -16.652 8.507   -8.633  1.00 0.00 ? 2  GLU A C    1 
ATOM 23  O O    . GLU A 1 2  ? -16.800 9.016   -7.523  1.00 0.00 ? 2  GLU A O    1 
ATOM 24  C CB   . GLU A 1 2  ? -18.314 10.262  -9.557  1.00 0.00 ? 2  GLU A CB   1 
ATOM 25  C CG   . GLU A 1 2  ? -19.595 9.855   -8.799  1.00 0.00 ? 2  GLU A CG   1 
ATOM 26  C CD   . GLU A 1 2  ? -20.577 9.046   -9.653  1.00 0.00 ? 2  GLU A CD   1 
ATOM 27  O OE1  . GLU A 1 2  ? -21.054 9.550   -10.669 1.00 0.00 ? 2  GLU A OE1  1 
ATOM 28  O OE2  . GLU A 1 2  ? -20.856 7.784   -9.220  1.00 0.00 ? 2  GLU A OE2  1 
ATOM 29  H H    . GLU A 1 2  ? -18.304 7.254   -10.123 1.00 0.00 ? 2  GLU A H    1 
ATOM 30  H HA   . GLU A 1 2  ? -16.529 9.542   -10.482 1.00 0.00 ? 2  GLU A HA   1 
ATOM 31  H HB2  . GLU A 1 2  ? -17.787 11.007  -8.959  1.00 0.00 ? 2  GLU A HB2  1 
ATOM 32  H HB3  . GLU A 1 2  ? -18.601 10.752  -10.490 1.00 0.00 ? 2  GLU A HB3  1 
ATOM 33  H HG2  . GLU A 1 2  ? -19.336 9.296   -7.899  1.00 0.00 ? 2  GLU A HG2  1 
ATOM 34  H HG3  . GLU A 1 2  ? -20.107 10.765  -8.484  1.00 0.00 ? 2  GLU A HG3  1 
ATOM 35  H HE2  . GLU A 1 2  ? -21.463 7.319   -9.802  1.00 0.00 ? 2  GLU A HE2  1 
ATOM 36  N N    . GLN A 1 3  ? -15.901 7.413   -8.835  1.00 0.00 ? 3  GLN A N    1 
ATOM 37  C CA   . GLN A 1 3  ? -15.255 6.626   -7.787  1.00 0.00 ? 3  GLN A CA   1 
ATOM 38  C C    . GLN A 1 3  ? -14.194 5.691   -8.385  1.00 0.00 ? 3  GLN A C    1 
ATOM 39  O O    . GLN A 1 3  ? -14.261 5.335   -9.563  1.00 0.00 ? 3  GLN A O    1 
ATOM 40  C CB   . GLN A 1 3  ? -16.300 5.833   -6.971  1.00 0.00 ? 3  GLN A CB   1 
ATOM 41  C CG   . GLN A 1 3  ? -16.947 4.640   -7.704  1.00 0.00 ? 3  GLN A CG   1 
ATOM 42  C CD   . GLN A 1 3  ? -17.704 5.044   -8.974  1.00 0.00 ? 3  GLN A CD   1 
ATOM 43  O OE1  . GLN A 1 3  ? -18.793 5.608   -8.897  1.00 0.00 ? 3  GLN A OE1  1 
ATOM 44  N NE2  . GLN A 1 3  ? -17.131 4.764   -10.149 1.00 0.00 ? 3  GLN A NE2  1 
ATOM 45  H H    . GLN A 1 3  ? -15.805 7.067   -9.779  1.00 0.00 ? 3  GLN A H    1 
ATOM 46  H HA   . GLN A 1 3  ? -14.752 7.323   -7.112  1.00 0.00 ? 3  GLN A HA   1 
ATOM 47  H HB2  . GLN A 1 3  ? -15.804 5.437   -6.084  1.00 0.00 ? 3  GLN A HB2  1 
ATOM 48  H HB3  . GLN A 1 3  ? -17.088 6.505   -6.625  1.00 0.00 ? 3  GLN A HB3  1 
ATOM 49  H HG2  . GLN A 1 3  ? -16.184 3.894   -7.936  1.00 0.00 ? 3  GLN A HG2  1 
ATOM 50  H HG3  . GLN A 1 3  ? -17.658 4.170   -7.022  1.00 0.00 ? 3  GLN A HG3  1 
ATOM 51  H HE21 . GLN A 1 3  ? -16.223 4.322   -10.175 1.00 0.00 ? 3  GLN A HE21 1 
ATOM 52  H HE22 . GLN A 1 3  ? -17.600 5.013   -11.007 1.00 0.00 ? 3  GLN A HE22 1 
ATOM 53  N N    . ALA A 1 4  ? -13.233 5.268   -7.551  1.00 0.00 ? 4  ALA A N    1 
ATOM 54  C CA   . ALA A 1 4  ? -12.179 4.324   -7.908  1.00 0.00 ? 4  ALA A CA   1 
ATOM 55  C C    . ALA A 1 4  ? -12.784 2.947   -8.242  1.00 0.00 ? 4  ALA A C    1 
ATOM 56  O O    . ALA A 1 4  ? -13.424 2.356   -7.371  1.00 0.00 ? 4  ALA A O    1 
ATOM 57  C CB   . ALA A 1 4  ? -11.186 4.209   -6.742  1.00 0.00 ? 4  ALA A CB   1 
ATOM 58  H H    . ALA A 1 4  ? -13.248 5.601   -6.598  1.00 0.00 ? 4  ALA A H    1 
ATOM 59  H HA   . ALA A 1 4  ? -11.631 4.748   -8.750  1.00 0.00 ? 4  ALA A HA   1 
ATOM 60  H HB1  . ALA A 1 4  ? -11.694 3.877   -5.835  1.00 0.00 ? 4  ALA A HB1  1 
ATOM 61  H HB2  . ALA A 1 4  ? -10.409 3.486   -6.990  1.00 0.00 ? 4  ALA A HB2  1 
ATOM 62  H HB3  . ALA A 1 4  ? -10.721 5.178   -6.550  1.00 0.00 ? 4  ALA A HB3  1 
ATOM 63  N N    . PRO A 1 5  ? -12.610 2.421   -9.472  1.00 0.00 ? 5  PRO A N    1 
ATOM 64  C CA   . PRO A 1 5  ? -13.177 1.141   -9.888  1.00 0.00 ? 5  PRO A CA   1 
ATOM 65  C C    . PRO A 1 5  ? -12.418 -0.018  -9.229  1.00 0.00 ? 5  PRO A C    1 
ATOM 66  O O    . PRO A 1 5  ? -11.189 -0.049  -9.256  1.00 0.00 ? 5  PRO A O    1 
ATOM 67  C CB   . PRO A 1 5  ? -13.045 1.117   -11.417 1.00 0.00 ? 5  PRO A CB   1 
ATOM 68  C CG   . PRO A 1 5  ? -11.797 1.965   -11.673 1.00 0.00 ? 5  PRO A CG   1 
ATOM 69  C CD   . PRO A 1 5  ? -11.885 3.031   -10.579 1.00 0.00 ? 5  PRO A CD   1 
ATOM 70  H HA   . PRO A 1 5  ? -14.239 1.099   -9.628  1.00 0.00 ? 5  PRO A HA   1 
ATOM 71  H HB2  . PRO A 1 5  ? -12.960 0.110   -11.828 1.00 0.00 ? 5  PRO A HB2  1 
ATOM 72  H HB3  . PRO A 1 5  ? -13.908 1.618   -11.862 1.00 0.00 ? 5  PRO A HB3  1 
ATOM 73  H HG2  . PRO A 1 5  ? -10.900 1.362   -11.527 1.00 0.00 ? 5  PRO A HG2  1 
ATOM 74  H HG3  . PRO A 1 5  ? -11.790 2.396   -12.675 1.00 0.00 ? 5  PRO A HG3  1 
ATOM 75  H HD2  . PRO A 1 5  ? -10.882 3.352   -10.297 1.00 0.00 ? 5  PRO A HD2  1 
ATOM 76  H HD3  . PRO A 1 5  ? -12.461 3.876   -10.952 1.00 0.00 ? 5  PRO A HD3  1 
ATOM 77  N N    . GLU A 1 6  ? -13.150 -0.972  -8.635  1.00 0.00 ? 6  GLU A N    1 
ATOM 78  C CA   . GLU A 1 6  ? -12.582 -2.138  -7.962  1.00 0.00 ? 6  GLU A CA   1 
ATOM 79  C C    . GLU A 1 6  ? -11.833 -3.051  -8.949  1.00 0.00 ? 6  GLU A C    1 
ATOM 80  O O    . GLU A 1 6  ? -10.687 -3.413  -8.687  1.00 0.00 ? 6  GLU A O    1 
ATOM 81  C CB   . GLU A 1 6  ? -13.649 -2.874  -7.123  1.00 0.00 ? 6  GLU A CB   1 
ATOM 82  C CG   . GLU A 1 6  ? -14.694 -3.700  -7.897  1.00 0.00 ? 6  GLU A CG   1 
ATOM 83  C CD   . GLU A 1 6  ? -15.513 -2.869  -8.886  1.00 0.00 ? 6  GLU A CD   1 
ATOM 84  O OE1  . GLU A 1 6  ? -16.129 -1.884  -8.483  1.00 0.00 ? 6  GLU A OE1  1 
ATOM 85  O OE2  . GLU A 1 6  ? -15.491 -3.282  -10.186 1.00 0.00 ? 6  GLU A OE2  1 
ATOM 86  H H    . GLU A 1 6  ? -14.157 -0.882  -8.639  1.00 0.00 ? 6  GLU A H    1 
ATOM 87  H HA   . GLU A 1 6  ? -11.852 -1.757  -7.241  1.00 0.00 ? 6  GLU A HA   1 
ATOM 88  H HB2  . GLU A 1 6  ? -13.133 -3.556  -6.446  1.00 0.00 ? 6  GLU A HB2  1 
ATOM 89  H HB3  . GLU A 1 6  ? -14.170 -2.144  -6.500  1.00 0.00 ? 6  GLU A HB3  1 
ATOM 90  H HG2  . GLU A 1 6  ? -14.201 -4.526  -8.413  1.00 0.00 ? 6  GLU A HG2  1 
ATOM 91  H HG3  . GLU A 1 6  ? -15.384 -4.140  -7.176  1.00 0.00 ? 6  GLU A HG3  1 
ATOM 92  H HE2  . GLU A 1 6  ? -16.009 -2.716  -10.762 1.00 0.00 ? 6  GLU A HE2  1 
ATOM 93  N N    . ASP A 1 7  ? -12.477 -3.394  -10.080 1.00 0.00 ? 7  ASP A N    1 
ATOM 94  C CA   . ASP A 1 7  ? -11.978 -4.244  -11.161 1.00 0.00 ? 7  ASP A CA   1 
ATOM 95  C C    . ASP A 1 7  ? -11.744 -5.680  -10.672 1.00 0.00 ? 7  ASP A C    1 
ATOM 96  O O    . ASP A 1 7  ? -10.775 -5.935  -9.960  1.00 0.00 ? 7  ASP A O    1 
ATOM 97  C CB   . ASP A 1 7  ? -10.729 -3.644  -11.839 1.00 0.00 ? 7  ASP A CB   1 
ATOM 98  C CG   . ASP A 1 7  ? -11.007 -2.271  -12.458 1.00 0.00 ? 7  ASP A CG   1 
ATOM 99  O OD1  . ASP A 1 7  ? -10.479 -1.271  -11.978 1.00 0.00 ? 7  ASP A OD1  1 
ATOM 100 O OD2  . ASP A 1 7  ? -11.847 -2.255  -13.535 1.00 0.00 ? 7  ASP A OD2  1 
ATOM 101 H H    . ASP A 1 7  ? -13.414 -3.036  -10.203 1.00 0.00 ? 7  ASP A H    1 
ATOM 102 H HA   . ASP A 1 7  ? -12.766 -4.265  -11.917 1.00 0.00 ? 7  ASP A HA   1 
ATOM 103 H HB2  . ASP A 1 7  ? -9.906  -3.569  -11.127 1.00 0.00 ? 7  ASP A HB2  1 
ATOM 104 H HB3  . ASP A 1 7  ? -10.410 -4.313  -12.639 1.00 0.00 ? 7  ASP A HB3  1 
ATOM 105 H HD2  . ASP A 1 7  ? -12.166 -3.126  -13.781 1.00 0.00 ? 7  ASP A HD2  1 
ATOM 106 N N    . GLN A 1 8  ? -12.633 -6.610  -11.065 1.00 0.00 ? 8  GLN A N    1 
ATOM 107 C CA   . GLN A 1 8  ? -12.638 -8.023  -10.681 1.00 0.00 ? 8  GLN A CA   1 
ATOM 108 C C    . GLN A 1 8  ? -12.450 -8.211  -9.165  1.00 0.00 ? 8  GLN A C    1 
ATOM 109 O O    . GLN A 1 8  ? -11.477 -8.817  -8.717  1.00 0.00 ? 8  GLN A O    1 
ATOM 110 C CB   . GLN A 1 8  ? -11.681 -8.858  -11.563 1.00 0.00 ? 8  GLN A CB   1 
ATOM 111 C CG   . GLN A 1 8  ? -10.211 -8.398  -11.578 1.00 0.00 ? 8  GLN A CG   1 
ATOM 112 C CD   . GLN A 1 8  ? -9.307  -9.372  -12.339 1.00 0.00 ? 8  GLN A CD   1 
ATOM 113 O OE1  . GLN A 1 8  ? -8.471  -10.046 -11.741 1.00 0.00 ? 8  GLN A OE1  1 
ATOM 114 N NE2  . GLN A 1 8  ? -9.468  -9.444  -13.664 1.00 0.00 ? 8  GLN A NE2  1 
ATOM 115 H H    . GLN A 1 8  ? -13.392 -6.309  -11.659 1.00 0.00 ? 8  GLN A H    1 
ATOM 116 H HA   . GLN A 1 8  ? -13.640 -8.394  -10.904 1.00 0.00 ? 8  GLN A HA   1 
ATOM 117 H HB2  . GLN A 1 8  ? -11.724 -9.896  -11.227 1.00 0.00 ? 8  GLN A HB2  1 
ATOM 118 H HB3  . GLN A 1 8  ? -12.054 -8.831  -12.589 1.00 0.00 ? 8  GLN A HB3  1 
ATOM 119 H HG2  . GLN A 1 8  ? -10.134 -7.421  -12.056 1.00 0.00 ? 8  GLN A HG2  1 
ATOM 120 H HG3  . GLN A 1 8  ? -9.843  -8.311  -10.556 1.00 0.00 ? 8  GLN A HG3  1 
ATOM 121 H HE21 . GLN A 1 8  ? -10.164 -8.874  -14.121 1.00 0.00 ? 8  GLN A HE21 1 
ATOM 122 H HE22 . GLN A 1 8  ? -8.889  -10.072 -14.203 1.00 0.00 ? 8  GLN A HE22 1 
ATOM 123 N N    . GLY A 1 9  ? -13.392 -7.667  -8.377  1.00 0.00 ? 9  GLY A N    1 
ATOM 124 C CA   . GLY A 1 9  ? -13.336 -7.648  -6.919  1.00 0.00 ? 9  GLY A CA   1 
ATOM 125 C C    . GLY A 1 9  ? -12.373 -6.570  -6.392  1.00 0.00 ? 9  GLY A C    1 
ATOM 126 O O    . GLY A 1 9  ? -11.858 -5.767  -7.171  1.00 0.00 ? 9  GLY A O    1 
ATOM 127 H H    . GLY A 1 9  ? -14.166 -7.186  -8.813  1.00 0.00 ? 9  GLY A H    1 
ATOM 128 H HA2  . GLY A 1 9  ? -14.338 -7.438  -6.543  1.00 0.00 ? 9  GLY A HA2  1 
ATOM 129 H HA3  . GLY A 1 9  ? -13.034 -8.636  -6.567  1.00 0.00 ? 9  GLY A HA3  1 
ATOM 130 N N    . PRO A 1 10 ? -12.120 -6.536  -5.067  1.00 0.00 ? 10 PRO A N    1 
ATOM 131 C CA   . PRO A 1 10 ? -11.239 -5.561  -4.430  1.00 0.00 ? 10 PRO A CA   1 
ATOM 132 C C    . PRO A 1 10 ? -9.788  -5.806  -4.869  1.00 0.00 ? 10 PRO A C    1 
ATOM 133 O O    . PRO A 1 10 ? -9.160  -6.776  -4.444  1.00 0.00 ? 10 PRO A O    1 
ATOM 134 C CB   . PRO A 1 10 ? -11.451 -5.742  -2.920  1.00 0.00 ? 10 PRO A CB   1 
ATOM 135 C CG   . PRO A 1 10 ? -11.883 -7.203  -2.791  1.00 0.00 ? 10 PRO A CG   1 
ATOM 136 C CD   . PRO A 1 10 ? -12.683 -7.441  -4.074  1.00 0.00 ? 10 PRO A CD   1 
ATOM 137 H HA   . PRO A 1 10 ? -11.547 -4.548  -4.696  1.00 0.00 ? 10 PRO A HA   1 
ATOM 138 H HB2  . PRO A 1 10 ? -10.562 -5.517  -2.327  1.00 0.00 ? 10 PRO A HB2  1 
ATOM 139 H HB3  . PRO A 1 10 ? -12.274 -5.104  -2.591  1.00 0.00 ? 10 PRO A HB3  1 
ATOM 140 H HG2  . PRO A 1 10 ? -11.001 -7.847  -2.781  1.00 0.00 ? 10 PRO A HG2  1 
ATOM 141 H HG3  . PRO A 1 10 ? -12.478 -7.383  -1.893  1.00 0.00 ? 10 PRO A HG3  1 
ATOM 142 H HD2  . PRO A 1 10 ? -12.598 -8.488  -4.367  1.00 0.00 ? 10 PRO A HD2  1 
ATOM 143 H HD3  . PRO A 1 10 ? -13.731 -7.185  -3.912  1.00 0.00 ? 10 PRO A HD3  1 
ATOM 144 N N    . GLN A 1 11 ? -9.281  -4.933  -5.753  1.00 0.00 ? 11 GLN A N    1 
ATOM 145 C CA   . GLN A 1 11 ? -7.993  -5.062  -6.429  1.00 0.00 ? 11 GLN A CA   1 
ATOM 146 C C    . GLN A 1 11 ? -7.413  -3.664  -6.694  1.00 0.00 ? 11 GLN A C    1 
ATOM 147 O O    . GLN A 1 11 ? -8.156  -2.721  -6.970  1.00 0.00 ? 11 GLN A O    1 
ATOM 148 C CB   . GLN A 1 11 ? -8.200  -5.855  -7.731  1.00 0.00 ? 11 GLN A CB   1 
ATOM 149 C CG   . GLN A 1 11 ? -6.900  -6.130  -8.502  1.00 0.00 ? 11 GLN A CG   1 
ATOM 150 C CD   . GLN A 1 11 ? -7.171  -6.991  -9.739  1.00 0.00 ? 11 GLN A CD   1 
ATOM 151 O OE1  . GLN A 1 11 ? -7.365  -6.469  -10.835 1.00 0.00 ? 11 GLN A OE1  1 
ATOM 152 N NE2  . GLN A 1 11 ? -7.197  -8.316  -9.567  1.00 0.00 ? 11 GLN A NE2  1 
ATOM 153 H H    . GLN A 1 11 ? -9.865  -4.163  -6.048  1.00 0.00 ? 11 GLN A H    1 
ATOM 154 H HA   . GLN A 1 11 ? -7.303  -5.617  -5.787  1.00 0.00 ? 11 GLN A HA   1 
ATOM 155 H HB2  . GLN A 1 11 ? -8.667  -6.812  -7.488  1.00 0.00 ? 11 GLN A HB2  1 
ATOM 156 H HB3  . GLN A 1 11 ? -8.875  -5.299  -8.381  1.00 0.00 ? 11 GLN A HB3  1 
ATOM 157 H HG2  . GLN A 1 11 ? -6.461  -5.185  -8.824  1.00 0.00 ? 11 GLN A HG2  1 
ATOM 158 H HG3  . GLN A 1 11 ? -6.186  -6.633  -7.848  1.00 0.00 ? 11 GLN A HG3  1 
ATOM 159 H HE21 . GLN A 1 11 ? -7.038  -8.711  -8.651  1.00 0.00 ? 11 GLN A HE21 1 
ATOM 160 H HE22 . GLN A 1 11 ? -7.388  -8.920  -10.354 1.00 0.00 ? 11 GLN A HE22 1 
ATOM 161 N N    . ARG A 1 12 ? -6.080  -3.538  -6.607  1.00 0.00 ? 12 ARG A N    1 
ATOM 162 C CA   . ARG A 1 12 ? -5.352  -2.283  -6.786  1.00 0.00 ? 12 ARG A CA   1 
ATOM 163 C C    . ARG A 1 12 ? -5.365  -1.799  -8.247  1.00 0.00 ? 12 ARG A C    1 
ATOM 164 O O    . ARG A 1 12 ? -5.432  -2.592  -9.187  1.00 0.00 ? 12 ARG A O    1 
ATOM 165 C CB   . ARG A 1 12 ? -3.931  -2.366  -6.187  1.00 0.00 ? 12 ARG A CB   1 
ATOM 166 C CG   . ARG A 1 12 ? -3.116  -3.650  -6.446  1.00 0.00 ? 12 ARG A CG   1 
ATOM 167 C CD   . ARG A 1 12 ? -2.912  -4.029  -7.920  1.00 0.00 ? 12 ARG A CD   1 
ATOM 168 N NE   . ARG A 1 12 ? -2.368  -2.922  -8.723  1.00 0.00 ? 12 ARG A NE   1 
ATOM 169 C CZ   . ARG A 1 12 ? -1.089  -2.501  -8.732  1.00 0.00 ? 12 ARG A CZ   1 
ATOM 170 N NH1  . ARG A 1 12 ? -0.159  -3.067  -7.947  1.00 0.00 ? 12 ARG A NH1  1 
ATOM 171 N NH2  . ARG A 1 12 ? -0.734  -1.499  -9.547  1.00 0.00 ? 12 ARG A NH2  1 
ATOM 172 H H    . ARG A 1 12 ? -5.539  -4.363  -6.390  1.00 0.00 ? 12 ARG A H    1 
ATOM 173 H HA   . ARG A 1 12 ? -5.880  -1.529  -6.196  1.00 0.00 ? 12 ARG A HA   1 
ATOM 174 H HB2  . ARG A 1 12 ? -3.351  -1.503  -6.521  1.00 0.00 ? 12 ARG A HB2  1 
ATOM 175 H HB3  . ARG A 1 12 ? -4.027  -2.280  -5.103  1.00 0.00 ? 12 ARG A HB3  1 
ATOM 176 H HG2  . ARG A 1 12 ? -2.137  -3.516  -5.984  1.00 0.00 ? 12 ARG A HG2  1 
ATOM 177 H HG3  . ARG A 1 12 ? -3.593  -4.490  -5.938  1.00 0.00 ? 12 ARG A HG3  1 
ATOM 178 H HD2  . ARG A 1 12 ? -2.240  -4.886  -7.976  1.00 0.00 ? 12 ARG A HD2  1 
ATOM 179 H HD3  . ARG A 1 12 ? -3.863  -4.344  -8.346  1.00 0.00 ? 12 ARG A HD3  1 
ATOM 180 H HE   . ARG A 1 12 ? -3.028  -2.449  -9.326  1.00 0.00 ? 12 ARG A HE   1 
ATOM 181 H HH11 . ARG A 1 12 ? -0.408  -3.827  -7.330  1.00 0.00 ? 12 ARG A HH11 1 
ATOM 182 H HH12 . ARG A 1 12 ? 0.793   -2.733  -7.973  1.00 0.00 ? 12 ARG A HH12 1 
ATOM 183 H HH21 . ARG A 1 12 ? -1.419  -1.076  -10.156 1.00 0.00 ? 12 ARG A HH21 1 
ATOM 184 H HH22 . ARG A 1 12 ? 0.221   -1.170  -9.560  1.00 0.00 ? 12 ARG A HH22 1 
ATOM 185 N N    . GLU A 1 13 ? -5.326  -0.470  -8.420  1.00 0.00 ? 13 GLU A N    1 
ATOM 186 C CA   . GLU A 1 13 ? -5.368  0.234   -9.698  1.00 0.00 ? 13 GLU A CA   1 
ATOM 187 C C    . GLU A 1 13 ? -5.071  1.726   -9.448  1.00 0.00 ? 13 GLU A C    1 
ATOM 188 O O    . GLU A 1 13 ? -5.979  2.551   -9.519  1.00 0.00 ? 13 GLU A O    1 
ATOM 189 C CB   . GLU A 1 13 ? -6.700  -0.019  -10.450 1.00 0.00 ? 13 GLU A CB   1 
ATOM 190 C CG   . GLU A 1 13 ? -7.976  -0.222  -9.612  1.00 0.00 ? 13 GLU A CG   1 
ATOM 191 C CD   . GLU A 1 13 ? -8.307  0.947   -8.684  1.00 0.00 ? 13 GLU A CD   1 
ATOM 192 O OE1  . GLU A 1 13 ? -8.892  1.930   -9.139  1.00 0.00 ? 13 GLU A OE1  1 
ATOM 193 O OE2  . GLU A 1 13 ? -7.936  0.806   -7.379  1.00 0.00 ? 13 GLU A OE2  1 
ATOM 194 H H    . GLU A 1 13 ? -5.282  0.107   -7.592  1.00 0.00 ? 13 GLU A H    1 
ATOM 195 H HA   . GLU A 1 13 ? -4.581  -0.160  -10.343 1.00 0.00 ? 13 GLU A HA   1 
ATOM 196 H HB2  . GLU A 1 13 ? -6.881  0.793   -11.154 1.00 0.00 ? 13 GLU A HB2  1 
ATOM 197 H HB3  . GLU A 1 13 ? -6.581  -0.928  -11.043 1.00 0.00 ? 13 GLU A HB3  1 
ATOM 198 H HG2  . GLU A 1 13 ? -8.803  -0.347  -10.308 1.00 0.00 ? 13 GLU A HG2  1 
ATOM 199 H HG3  . GLU A 1 13 ? -7.906  -1.143  -9.037  1.00 0.00 ? 13 GLU A HG3  1 
ATOM 200 H HE2  . GLU A 1 13 ? -7.510  -0.034  -7.191  1.00 0.00 ? 13 GLU A HE2  1 
ATOM 201 N N    . PRO A 1 14 ? -3.808  2.092   -9.143  1.00 0.00 ? 14 PRO A N    1 
ATOM 202 C CA   . PRO A 1 14 ? -3.418  3.435   -8.707  1.00 0.00 ? 14 PRO A CA   1 
ATOM 203 C C    . PRO A 1 14 ? -3.408  4.493   -9.831  1.00 0.00 ? 14 PRO A C    1 
ATOM 204 O O    . PRO A 1 14 ? -3.162  5.666   -9.545  1.00 0.00 ? 14 PRO A O    1 
ATOM 205 C CB   . PRO A 1 14 ? -2.026  3.257   -8.086  1.00 0.00 ? 14 PRO A CB   1 
ATOM 206 C CG   . PRO A 1 14 ? -1.435  2.109   -8.901  1.00 0.00 ? 14 PRO A CG   1 
ATOM 207 C CD   . PRO A 1 14 ? -2.650  1.209   -9.137  1.00 0.00 ? 14 PRO A CD   1 
ATOM 208 H HA   . PRO A 1 14 ? -4.093  3.774   -7.923  1.00 0.00 ? 14 PRO A HA   1 
ATOM 209 H HB2  . PRO A 1 14 ? -1.407  4.156   -8.125  1.00 0.00 ? 14 PRO A HB2  1 
ATOM 210 H HB3  . PRO A 1 14 ? -2.129  2.937   -7.047  1.00 0.00 ? 14 PRO A HB3  1 
ATOM 211 H HG2  . PRO A 1 14 ? -1.069  2.493   -9.856  1.00 0.00 ? 14 PRO A HG2  1 
ATOM 212 H HG3  . PRO A 1 14 ? -0.631  1.593   -8.375  1.00 0.00 ? 14 PRO A HG3  1 
ATOM 213 H HD2  . PRO A 1 14 ? -2.535  0.687   -10.088 1.00 0.00 ? 14 PRO A HD2  1 
ATOM 214 H HD3  . PRO A 1 14 ? -2.739  0.491   -8.320  1.00 0.00 ? 14 PRO A HD3  1 
ATOM 215 N N    . TYR A 1 15 ? -3.670  4.102   -11.088 1.00 0.00 ? 15 TYR A N    1 
ATOM 216 C CA   . TYR A 1 15 ? -3.573  4.960   -12.268 1.00 0.00 ? 15 TYR A CA   1 
ATOM 217 C C    . TYR A 1 15 ? -4.671  6.036   -12.352 1.00 0.00 ? 15 TYR A C    1 
ATOM 218 O O    . TYR A 1 15 ? -4.413  7.109   -12.898 1.00 0.00 ? 15 TYR A O    1 
ATOM 219 C CB   . TYR A 1 15 ? -3.538  4.098   -13.544 1.00 0.00 ? 15 TYR A CB   1 
ATOM 220 C CG   . TYR A 1 15 ? -4.821  3.344   -13.868 1.00 0.00 ? 15 TYR A CG   1 
ATOM 221 C CD1  . TYR A 1 15 ? -5.839  3.970   -14.623 1.00 0.00 ? 15 TYR A CD1  1 
ATOM 222 C CD2  . TYR A 1 15 ? -5.002  2.015   -13.421 1.00 0.00 ? 15 TYR A CD2  1 
ATOM 223 C CE1  . TYR A 1 15 ? -7.033  3.279   -14.918 1.00 0.00 ? 15 TYR A CE1  1 
ATOM 224 C CE2  . TYR A 1 15 ? -6.185  1.314   -13.740 1.00 0.00 ? 15 TYR A CE2  1 
ATOM 225 C CZ   . TYR A 1 15 ? -7.214  1.955   -14.463 1.00 0.00 ? 15 TYR A CZ   1 
ATOM 226 O OH   . TYR A 1 15 ? -8.383  1.296   -14.714 1.00 0.00 ? 15 TYR A OH   1 
ATOM 227 H H    . TYR A 1 15 ? -3.887  3.131   -11.255 1.00 0.00 ? 15 TYR A H    1 
ATOM 228 H HA   . TYR A 1 15 ? -2.610  5.473   -12.217 1.00 0.00 ? 15 TYR A HA   1 
ATOM 229 H HB2  . TYR A 1 15 ? -3.297  4.747   -14.388 1.00 0.00 ? 15 TYR A HB2  1 
ATOM 230 H HB3  . TYR A 1 15 ? -2.715  3.384   -13.461 1.00 0.00 ? 15 TYR A HB3  1 
ATOM 231 H HD1  . TYR A 1 15 ? -5.712  4.984   -14.974 1.00 0.00 ? 15 TYR A HD1  1 
ATOM 232 H HD2  . TYR A 1 15 ? -4.231  1.523   -12.843 1.00 0.00 ? 15 TYR A HD2  1 
ATOM 233 H HE1  . TYR A 1 15 ? -7.809  3.770   -15.488 1.00 0.00 ? 15 TYR A HE1  1 
ATOM 234 H HE2  . TYR A 1 15 ? -6.302  0.287   -13.425 1.00 0.00 ? 15 TYR A HE2  1 
ATOM 235 H HH   . TYR A 1 15 ? -9.023  1.820   -15.199 1.00 0.00 ? 15 TYR A HH   1 
ATOM 236 N N    . ASN A 1 16 ? -5.892  5.754   -11.860 1.00 0.00 ? 16 ASN A N    1 
ATOM 237 C CA   . ASN A 1 16 ? -7.073  6.584   -12.083 1.00 0.00 ? 16 ASN A CA   1 
ATOM 238 C C    . ASN A 1 16 ? -6.899  7.947   -11.434 1.00 0.00 ? 16 ASN A C    1 
ATOM 239 O O    . ASN A 1 16 ? -6.124  8.090   -10.499 1.00 0.00 ? 16 ASN A O    1 
ATOM 240 C CB   . ASN A 1 16 ? -8.328  5.892   -11.518 1.00 0.00 ? 16 ASN A CB   1 
ATOM 241 C CG   . ASN A 1 16 ? -8.562  4.488   -12.086 1.00 0.00 ? 16 ASN A CG   1 
ATOM 242 O OD1  . ASN A 1 16 ? -7.930  3.528   -11.650 1.00 0.00 ? 16 ASN A OD1  1 
ATOM 243 N ND2  . ASN A 1 16 ? -9.475  4.360   -13.053 1.00 0.00 ? 16 ASN A ND2  1 
ATOM 244 H H    . ASN A 1 16 ? -6.038  4.863   -11.408 1.00 0.00 ? 16 ASN A H    1 
ATOM 245 H HA   . ASN A 1 16 ? -7.204  6.707   -13.160 1.00 0.00 ? 16 ASN A HA   1 
ATOM 246 H HB2  . ASN A 1 16 ? -8.250  5.809   -10.433 1.00 0.00 ? 16 ASN A HB2  1 
ATOM 247 H HB3  . ASN A 1 16 ? -9.188  6.526   -11.736 1.00 0.00 ? 16 ASN A HB3  1 
ATOM 248 H HD21 . ASN A 1 16 ? -9.981  5.169   -13.384 1.00 0.00 ? 16 ASN A HD21 1 
ATOM 249 H HD22 . ASN A 1 16 ? -9.656  3.450   -13.451 1.00 0.00 ? 16 ASN A HD22 1 
ATOM 250 N N    . ASP A 1 17 ? -7.634  8.950   -11.917 1.00 0.00 ? 17 ASP A N    1 
ATOM 251 C CA   . ASP A 1 17 ? -7.649  10.270  -11.309 1.00 0.00 ? 17 ASP A CA   1 
ATOM 252 C C    . ASP A 1 17 ? -8.220  10.193  -9.894  1.00 0.00 ? 17 ASP A C    1 
ATOM 253 O O    . ASP A 1 17 ? -7.875  11.006  -9.039  1.00 0.00 ? 17 ASP A O    1 
ATOM 254 C CB   . ASP A 1 17 ? -8.479  11.234  -12.175 1.00 0.00 ? 17 ASP A CB   1 
ATOM 255 C CG   . ASP A 1 17 ? -7.895  11.402  -13.581 1.00 0.00 ? 17 ASP A CG   1 
ATOM 256 O OD1  . ASP A 1 17 ? -8.471  10.897  -14.542 1.00 0.00 ? 17 ASP A OD1  1 
ATOM 257 O OD2  . ASP A 1 17 ? -6.738  12.119  -13.665 1.00 0.00 ? 17 ASP A OD2  1 
ATOM 258 H H    . ASP A 1 17 ? -8.256  8.779   -12.694 1.00 0.00 ? 17 ASP A H    1 
ATOM 259 H HA   . ASP A 1 17 ? -6.627  10.652  -11.257 1.00 0.00 ? 17 ASP A HA   1 
ATOM 260 H HB2  . ASP A 1 17 ? -9.506  10.871  -12.246 1.00 0.00 ? 17 ASP A HB2  1 
ATOM 261 H HB3  . ASP A 1 17 ? -8.505  12.216  -11.697 1.00 0.00 ? 17 ASP A HB3  1 
ATOM 262 H HD2  . ASP A 1 17 ? -6.413  12.190  -14.566 1.00 0.00 ? 17 ASP A HD2  1 
ATOM 263 N N    . TRP A 1 18 ? -9.106  9.219   -9.647  1.00 0.00 ? 18 TRP A N    1 
ATOM 264 C CA   . TRP A 1 18 ? -9.636  8.970   -8.328  1.00 0.00 ? 18 TRP A CA   1 
ATOM 265 C C    . TRP A 1 18 ? -8.493  8.511   -7.450  1.00 0.00 ? 18 TRP A C    1 
ATOM 266 O O    . TRP A 1 18 ? -8.178  9.141   -6.443  1.00 0.00 ? 18 TRP A O    1 
ATOM 267 C CB   . TRP A 1 18 ? -10.782 7.946   -8.392  1.00 0.00 ? 18 TRP A CB   1 
ATOM 268 C CG   . TRP A 1 18 ? -11.962 8.354   -9.228  1.00 0.00 ? 18 TRP A CG   1 
ATOM 269 C CD1  . TRP A 1 18 ? -12.784 9.394   -8.963  1.00 0.00 ? 18 TRP A CD1  1 
ATOM 270 C CD2  . TRP A 1 18 ? -12.461 7.762   -10.465 1.00 0.00 ? 18 TRP A CD2  1 
ATOM 271 N NE1  . TRP A 1 18 ? -13.742 9.505   -9.948  1.00 0.00 ? 18 TRP A NE1  1 
ATOM 272 C CE2  . TRP A 1 18 ? -13.598 8.516   -10.899 1.00 0.00 ? 18 TRP A CE2  1 
ATOM 273 C CE3  . TRP A 1 18 ? -12.077 6.657   -11.266 1.00 0.00 ? 18 TRP A CE3  1 
ATOM 274 C CZ2  . TRP A 1 18 ? -14.315 8.190   -12.066 1.00 0.00 ? 18 TRP A CZ2  1 
ATOM 275 C CZ3  . TRP A 1 18 ? -12.788 6.322   -12.440 1.00 0.00 ? 18 TRP A CZ3  1 
ATOM 276 C CH2  . TRP A 1 18 ? -13.908 7.083   -12.836 1.00 0.00 ? 18 TRP A CH2  1 
ATOM 277 H H    . TRP A 1 18 ? -9.380  8.590   -10.388 1.00 0.00 ? 18 TRP A H    1 
ATOM 278 H HA   . TRP A 1 18 ? -10.045 9.902   -7.926  1.00 0.00 ? 18 TRP A HA   1 
ATOM 279 H HB2  . TRP A 1 18 ? -10.402 7.000   -8.781  1.00 0.00 ? 18 TRP A HB2  1 
ATOM 280 H HB3  . TRP A 1 18 ? -11.142 7.761   -7.378  1.00 0.00 ? 18 TRP A HB3  1 
ATOM 281 H HD1  . TRP A 1 18 ? -12.696 10.055  -8.113  1.00 0.00 ? 18 TRP A HD1  1 
ATOM 282 H HE1  . TRP A 1 18 ? -14.470 10.204  -9.982  1.00 0.00 ? 18 TRP A HE1  1 
ATOM 283 H HE3  . TRP A 1 18 ? -11.245 6.045   -10.956 1.00 0.00 ? 18 TRP A HE3  1 
ATOM 284 H HZ2  . TRP A 1 18 ? -15.163 8.783   -12.371 1.00 0.00 ? 18 TRP A HZ2  1 
ATOM 285 H HZ3  . TRP A 1 18 ? -12.477 5.474   -13.033 1.00 0.00 ? 18 TRP A HZ3  1 
ATOM 286 H HH2  . TRP A 1 18 ? -14.452 6.818   -13.732 1.00 0.00 ? 18 TRP A HH2  1 
ATOM 287 N N    . THR A 1 19 ? -7.857  7.408   -7.860  1.00 0.00 ? 19 THR A N    1 
ATOM 288 C CA   . THR A 1 19 ? -6.780  6.844   -7.098  1.00 0.00 ? 19 THR A CA   1 
ATOM 289 C C    . THR A 1 19 ? -5.523  7.674   -7.174  1.00 0.00 ? 19 THR A C    1 
ATOM 290 O O    . THR A 1 19 ? -4.573  7.381   -6.467  1.00 0.00 ? 19 THR A O    1 
ATOM 291 C CB   . THR A 1 19 ? -6.528  5.390   -7.527  1.00 0.00 ? 19 THR A CB   1 
ATOM 292 O OG1  . THR A 1 19 ? -6.158  5.345   -8.890  1.00 0.00 ? 19 THR A OG1  1 
ATOM 293 C CG2  . THR A 1 19 ? -7.757  4.504   -7.294  1.00 0.00 ? 19 THR A CG2  1 
ATOM 294 H H    . THR A 1 19 ? -8.141  6.945   -8.710  1.00 0.00 ? 19 THR A H    1 
ATOM 295 H HA   . THR A 1 19 ? -7.091  6.823   -6.059  1.00 0.00 ? 19 THR A HA   1 
ATOM 296 H HB   . THR A 1 19 ? -5.715  4.988   -6.923  1.00 0.00 ? 19 THR A HB   1 
ATOM 297 H HG1  . THR A 1 19 ? -5.987  4.433   -9.132  1.00 0.00 ? 19 THR A HG1  1 
ATOM 298 H HG21 . THR A 1 19 ? -8.564  4.781   -7.973  1.00 0.00 ? 19 THR A HG21 1 
ATOM 299 H HG22 . THR A 1 19 ? -7.487  3.464   -7.467  1.00 0.00 ? 19 THR A HG22 1 
ATOM 300 H HG23 . THR A 1 19 ? -8.100  4.604   -6.263  1.00 0.00 ? 19 THR A HG23 1 
ATOM 301 N N    . LEU A 1 20 ? -5.496  8.709   -8.007  1.00 0.00 ? 20 LEU A N    1 
ATOM 302 C CA   . LEU A 1 20 ? -4.353  9.617   -7.980  1.00 0.00 ? 20 LEU A CA   1 
ATOM 303 C C    . LEU A 1 20 ? -4.305  10.242  -6.581  1.00 0.00 ? 20 LEU A C    1 
ATOM 304 O O    . LEU A 1 20 ? -3.244  10.465  -6.002  1.00 0.00 ? 20 LEU A O    1 
ATOM 305 C CB   . LEU A 1 20 ? -4.477  10.660  -9.110  1.00 0.00 ? 20 LEU A CB   1 
ATOM 306 C CG   . LEU A 1 20 ? -3.306  11.648  -9.307  1.00 0.00 ? 20 LEU A CG   1 
ATOM 307 C CD1  . LEU A 1 20 ? -3.349  12.853  -8.352  1.00 0.00 ? 20 LEU A CD1  1 
ATOM 308 C CD2  . LEU A 1 20 ? -1.932  10.962  -9.271  1.00 0.00 ? 20 LEU A CD2  1 
ATOM 309 H H    . LEU A 1 20 ? -6.271  8.917   -8.618  1.00 0.00 ? 20 LEU A H    1 
ATOM 310 H HA   . LEU A 1 20 ? -3.446  9.036   -8.152  1.00 0.00 ? 20 LEU A HA   1 
ATOM 311 H HB2  . LEU A 1 20 ? -4.569  10.107  -10.046 1.00 0.00 ? 20 LEU A HB2  1 
ATOM 312 H HB3  . LEU A 1 20 ? -5.391  11.238  -8.977  1.00 0.00 ? 20 LEU A HB3  1 
ATOM 313 H HG   . LEU A 1 20 ? -3.428  12.063  -10.311 1.00 0.00 ? 20 LEU A HG   1 
ATOM 314 H HD11 . LEU A 1 20 ? -4.337  13.316  -8.378  1.00 0.00 ? 20 LEU A HD11 1 
ATOM 315 H HD12 . LEU A 1 20 ? -3.119  12.565  -7.330  1.00 0.00 ? 20 LEU A HD12 1 
ATOM 316 H HD13 . LEU A 1 20 ? -2.614  13.594  -8.669  1.00 0.00 ? 20 LEU A HD13 1 
ATOM 317 H HD21 . LEU A 1 20 ? -1.919  10.120  -9.963  1.00 0.00 ? 20 LEU A HD21 1 
ATOM 318 H HD22 . LEU A 1 20 ? -1.159  11.672  -9.571  1.00 0.00 ? 20 LEU A HD22 1 
ATOM 319 H HD23 . LEU A 1 20 ? -1.703  10.606  -8.266  1.00 0.00 ? 20 LEU A HD23 1 
ATOM 320 N N    . GLU A 1 21 ? -5.496  10.440  -6.020  1.00 0.00 ? 21 GLU A N    1 
ATOM 321 C CA   . GLU A 1 21 ? -5.744  10.920  -4.693  1.00 0.00 ? 21 GLU A CA   1 
ATOM 322 C C    . GLU A 1 21 ? -5.791  9.804   -3.673  1.00 0.00 ? 21 GLU A C    1 
ATOM 323 O O    . GLU A 1 21 ? -5.242  9.953   -2.588  1.00 0.00 ? 21 GLU A O    1 
ATOM 324 C CB   . GLU A 1 21 ? -6.998  11.837  -4.677  1.00 0.00 ? 21 GLU A CB   1 
ATOM 325 C CG   . GLU A 1 21 ? -8.228  11.309  -3.915  1.00 0.00 ? 21 GLU A CG   1 
ATOM 326 C CD   . GLU A 1 21 ? -9.436  12.230  -4.091  1.00 0.00 ? 21 GLU A CD   1 
ATOM 327 O OE1  . GLU A 1 21 ? -9.769  12.978  -3.174  1.00 0.00 ? 21 GLU A OE1  1 
ATOM 328 O OE2  . GLU A 1 21 ? -10.080 12.149  -5.293  1.00 0.00 ? 21 GLU A OE2  1 
ATOM 329 H H    . GLU A 1 21 ? -6.321  10.221  -6.559  1.00 0.00 ? 21 GLU A H    1 
ATOM 330 H HA   . GLU A 1 21 ? -4.912  11.575  -4.430  1.00 0.00 ? 21 GLU A HA   1 
ATOM 331 H HB2  . GLU A 1 21 ? -6.722  12.782  -4.205  1.00 0.00 ? 21 GLU A HB2  1 
ATOM 332 H HB3  . GLU A 1 21 ? -7.298  12.079  -5.700  1.00 0.00 ? 21 GLU A HB3  1 
ATOM 333 H HG2  . GLU A 1 21 ? -8.510  10.321  -4.274  1.00 0.00 ? 21 GLU A HG2  1 
ATOM 334 H HG3  . GLU A 1 21 ? -7.986  11.228  -2.853  1.00 0.00 ? 21 GLU A HG3  1 
ATOM 335 H HE2  . GLU A 1 21 ? -9.684  11.510  -5.893  1.00 0.00 ? 21 GLU A HE2  1 
ATOM 336 N N    . LEU A 1 22 ? -6.443  8.682   -3.992  1.00 0.00 ? 22 LEU A N    1 
ATOM 337 C CA   . LEU A 1 22 ? -6.414  7.583   -3.047  1.00 0.00 ? 22 LEU A CA   1 
ATOM 338 C C    . LEU A 1 22 ? -4.990  7.041   -2.889  1.00 0.00 ? 22 LEU A C    1 
ATOM 339 O O    . LEU A 1 22 ? -4.667  6.407   -1.891  1.00 0.00 ? 22 LEU A O    1 
ATOM 340 C CB   . LEU A 1 22 ? -7.402  6.467   -3.448  1.00 0.00 ? 22 LEU A CB   1 
ATOM 341 C CG   . LEU A 1 22 ? -7.825  5.533   -2.293  1.00 0.00 ? 22 LEU A CG   1 
ATOM 342 C CD1  . LEU A 1 22 ? -8.713  6.241   -1.255  1.00 0.00 ? 22 LEU A CD1  1 
ATOM 343 C CD2  . LEU A 1 22 ? -8.589  4.328   -2.869  1.00 0.00 ? 22 LEU A CD2  1 
ATOM 344 H H    . LEU A 1 22 ? -6.908  8.576   -4.884  1.00 0.00 ? 22 LEU A H    1 
ATOM 345 H HA   . LEU A 1 22 ? -6.739  7.976   -2.083  1.00 0.00 ? 22 LEU A HA   1 
ATOM 346 H HB2  . LEU A 1 22 ? -8.306  6.906   -3.877  1.00 0.00 ? 22 LEU A HB2  1 
ATOM 347 H HB3  . LEU A 1 22 ? -6.925  5.843   -4.203  1.00 0.00 ? 22 LEU A HB3  1 
ATOM 348 H HG   . LEU A 1 22 ? -6.937  5.149   -1.789  1.00 0.00 ? 22 LEU A HG   1 
ATOM 349 H HD11 . LEU A 1 22 ? -9.583  6.681   -1.743  1.00 0.00 ? 22 LEU A HD11 1 
ATOM 350 H HD12 . LEU A 1 22 ? -9.055  5.521   -0.510  1.00 0.00 ? 22 LEU A HD12 1 
ATOM 351 H HD13 . LEU A 1 22 ? -8.163  7.023   -0.735  1.00 0.00 ? 22 LEU A HD13 1 
ATOM 352 H HD21 . LEU A 1 22 ? -7.956  3.784   -3.571  1.00 0.00 ? 22 LEU A HD21 1 
ATOM 353 H HD22 . LEU A 1 22 ? -8.875  3.649   -2.066  1.00 0.00 ? 22 LEU A HD22 1 
ATOM 354 H HD23 . LEU A 1 22 ? -9.488  4.663   -3.388  1.00 0.00 ? 22 LEU A HD23 1 
ATOM 355 N N    . LEU A 1 23 ? -4.116  7.338   -3.853  1.00 0.00 ? 23 LEU A N    1 
ATOM 356 C CA   . LEU A 1 23 ? -2.706  6.999   -3.755  1.00 0.00 ? 23 LEU A CA   1 
ATOM 357 C C    . LEU A 1 23 ? -2.109  7.871   -2.677  1.00 0.00 ? 23 LEU A C    1 
ATOM 358 O O    . LEU A 1 23 ? -1.413  7.383   -1.797  1.00 0.00 ? 23 LEU A O    1 
ATOM 359 C CB   . LEU A 1 23 ? -1.984  7.161   -5.108  1.00 0.00 ? 23 LEU A CB   1 
ATOM 360 C CG   . LEU A 1 23 ? -0.455  6.958   -5.050  1.00 0.00 ? 23 LEU A CG   1 
ATOM 361 C CD1  . LEU A 1 23 ? -0.075  5.551   -4.559  1.00 0.00 ? 23 LEU A CD1  1 
ATOM 362 C CD2  . LEU A 1 23 ? 0.142   7.195   -6.445  1.00 0.00 ? 23 LEU A CD2  1 
ATOM 363 H H    . LEU A 1 23 ? -4.409  7.881   -4.651  1.00 0.00 ? 23 LEU A H    1 
ATOM 364 H HA   . LEU A 1 23 ? -2.626  5.949   -3.467  1.00 0.00 ? 23 LEU A HA   1 
ATOM 365 H HB2  . LEU A 1 23 ? -2.387  6.429   -5.809  1.00 0.00 ? 23 LEU A HB2  1 
ATOM 366 H HB3  . LEU A 1 23 ? -2.177  8.160   -5.499  1.00 0.00 ? 23 LEU A HB3  1 
ATOM 367 H HG   . LEU A 1 23 ? -0.016  7.692   -4.373  1.00 0.00 ? 23 LEU A HG   1 
ATOM 368 H HD11 . LEU A 1 23 ? -0.546  4.792   -5.185  1.00 0.00 ? 23 LEU A HD11 1 
ATOM 369 H HD12 . LEU A 1 23 ? 1.007   5.424   -4.603  1.00 0.00 ? 23 LEU A HD12 1 
ATOM 370 H HD13 . LEU A 1 23 ? -0.390  5.409   -3.526  1.00 0.00 ? 23 LEU A HD13 1 
ATOM 371 H HD21 . LEU A 1 23 ? -0.096  8.204   -6.787  1.00 0.00 ? 23 LEU A HD21 1 
ATOM 372 H HD22 . LEU A 1 23 ? 1.228   7.090   -6.410  1.00 0.00 ? 23 LEU A HD22 1 
ATOM 373 H HD23 . LEU A 1 23 ? -0.262  6.475   -7.159  1.00 0.00 ? 23 LEU A HD23 1 
ATOM 374 N N    . GLU A 1 24 ? -2.422  9.163   -2.752  1.00 0.00 ? 24 GLU A N    1 
ATOM 375 C CA   . GLU A 1 24 ? -2.068  10.140  -1.737  1.00 0.00 ? 24 GLU A CA   1 
ATOM 376 C C    . GLU A 1 24 ? -2.426  9.586   -0.354  1.00 0.00 ? 24 GLU A C    1 
ATOM 377 O O    . GLU A 1 24 ? -1.657  9.780   0.578   1.00 0.00 ? 24 GLU A O    1 
ATOM 378 C CB   . GLU A 1 24 ? -2.647  11.542  -2.049  1.00 0.00 ? 24 GLU A CB   1 
ATOM 379 C CG   . GLU A 1 24 ? -3.577  12.139  -0.975  1.00 0.00 ? 24 GLU A CG   1 
ATOM 380 C CD   . GLU A 1 24 ? -4.199  13.456  -1.443  1.00 0.00 ? 24 GLU A CD   1 
ATOM 381 O OE1  . GLU A 1 24 ? -5.374  13.476  -1.804  1.00 0.00 ? 24 GLU A OE1  1 
ATOM 382 O OE2  . GLU A 1 24 ? -3.378  14.545  -1.428  1.00 0.00 ? 24 GLU A OE2  1 
ATOM 383 H H    . GLU A 1 24 ? -3.000  9.480   -3.517  1.00 0.00 ? 24 GLU A H    1 
ATOM 384 H HA   . GLU A 1 24 ? -0.981  10.235  -1.779  1.00 0.00 ? 24 GLU A HA   1 
ATOM 385 H HB2  . GLU A 1 24 ? -1.811  12.233  -2.172  1.00 0.00 ? 24 GLU A HB2  1 
ATOM 386 H HB3  . GLU A 1 24 ? -3.173  11.526  -3.003  1.00 0.00 ? 24 GLU A HB3  1 
ATOM 387 H HG2  . GLU A 1 24 ? -4.379  11.441  -0.737  1.00 0.00 ? 24 GLU A HG2  1 
ATOM 388 H HG3  . GLU A 1 24 ? -3.007  12.322  -0.062  1.00 0.00 ? 24 GLU A HG3  1 
ATOM 389 H HE2  . GLU A 1 24 ? -3.816  15.341  -1.731  1.00 0.00 ? 24 GLU A HE2  1 
ATOM 390 N N    . GLU A 1 25 ? -3.552  8.866   -0.220  1.00 0.00 ? 25 GLU A N    1 
ATOM 391 C CA   . GLU A 1 25 ? -4.007  8.324   1.036   1.00 0.00 ? 25 GLU A CA   1 
ATOM 392 C C    . GLU A 1 25 ? -3.142  7.160   1.465   1.00 0.00 ? 25 GLU A C    1 
ATOM 393 O O    . GLU A 1 25 ? -2.772  7.029   2.624   1.00 0.00 ? 25 GLU A O    1 
ATOM 394 C CB   . GLU A 1 25 ? -5.506  7.966   0.969   1.00 0.00 ? 25 GLU A CB   1 
ATOM 395 C CG   . GLU A 1 25 ? -6.067  7.455   2.307   1.00 0.00 ? 25 GLU A CG   1 
ATOM 396 C CD   . GLU A 1 25 ? -5.877  8.458   3.449   1.00 0.00 ? 25 GLU A CD   1 
ATOM 397 O OE1  . GLU A 1 25 ? -5.082  8.207   4.352   1.00 0.00 ? 25 GLU A OE1  1 
ATOM 398 O OE2  . GLU A 1 25 ? -6.622  9.598   3.373   1.00 0.00 ? 25 GLU A OE2  1 
ATOM 399 H H    . GLU A 1 25 ? -4.142  8.726   -1.030  1.00 0.00 ? 25 GLU A H    1 
ATOM 400 H HA   . GLU A 1 25 ? -3.909  9.118   1.779   1.00 0.00 ? 25 GLU A HA   1 
ATOM 401 H HB2  . GLU A 1 25 ? -6.070  8.849   0.665   1.00 0.00 ? 25 GLU A HB2  1 
ATOM 402 H HB3  . GLU A 1 25 ? -5.673  7.189   0.225   1.00 0.00 ? 25 GLU A HB3  1 
ATOM 403 H HG2  . GLU A 1 25 ? -7.136  7.264   2.188   1.00 0.00 ? 25 GLU A HG2  1 
ATOM 404 H HG3  . GLU A 1 25 ? -5.590  6.509   2.564   1.00 0.00 ? 25 GLU A HG3  1 
ATOM 405 H HE2  . GLU A 1 25 ? -6.459  10.194  4.107   1.00 0.00 ? 25 GLU A HE2  1 
ATOM 406 N N    . LEU A 1 26 ? -2.902  6.290   0.495   1.00 0.00 ? 26 LEU A N    1 
ATOM 407 C CA   . LEU A 1 26 ? -2.213  5.029   0.629   1.00 0.00 ? 26 LEU A CA   1 
ATOM 408 C C    . LEU A 1 26 ? -0.784  5.271   1.095   1.00 0.00 ? 26 LEU A C    1 
ATOM 409 O O    . LEU A 1 26 ? -0.314  4.667   2.049   1.00 0.00 ? 26 LEU A O    1 
ATOM 410 C CB   . LEU A 1 26 ? -2.276  4.250   -0.699  1.00 0.00 ? 26 LEU A CB   1 
ATOM 411 C CG   . LEU A 1 26 ? -1.530  2.899   -0.690  1.00 0.00 ? 26 LEU A CG   1 
ATOM 412 C CD1  . LEU A 1 26 ? -2.059  1.947   0.393   1.00 0.00 ? 26 LEU A CD1  1 
ATOM 413 C CD2  . LEU A 1 26 ? -1.656  2.236   -2.070  1.00 0.00 ? 26 LEU A CD2  1 
ATOM 414 H H    . LEU A 1 26 ? -3.270  6.496   -0.424  1.00 0.00 ? 26 LEU A H    1 
ATOM 415 H HA   . LEU A 1 26 ? -2.745  4.448   1.382   1.00 0.00 ? 26 LEU A HA   1 
ATOM 416 H HB2  . LEU A 1 26 ? -3.324  4.068   -0.948  1.00 0.00 ? 26 LEU A HB2  1 
ATOM 417 H HB3  . LEU A 1 26 ? -1.844  4.860   -1.491  1.00 0.00 ? 26 LEU A HB3  1 
ATOM 418 H HG   . LEU A 1 26 ? -0.469  3.077   -0.504  1.00 0.00 ? 26 LEU A HG   1 
ATOM 419 H HD11 . LEU A 1 26 ? -3.136  1.814   0.287   1.00 0.00 ? 26 LEU A HD11 1 
ATOM 420 H HD12 . LEU A 1 26 ? -1.571  0.976   0.306   1.00 0.00 ? 26 LEU A HD12 1 
ATOM 421 H HD13 . LEU A 1 26 ? -1.841  2.344   1.385   1.00 0.00 ? 26 LEU A HD13 1 
ATOM 422 H HD21 . LEU A 1 26 ? -1.252  2.895   -2.839  1.00 0.00 ? 26 LEU A HD21 1 
ATOM 423 H HD22 . LEU A 1 26 ? -1.097  1.300   -2.086  1.00 0.00 ? 26 LEU A HD22 1 
ATOM 424 H HD23 . LEU A 1 26 ? -2.703  2.028   -2.296  1.00 0.00 ? 26 LEU A HD23 1 
ATOM 425 N N    . LYS A 1 27 ? -0.095  6.181   0.419   1.00 0.00 ? 27 LYS A N    1 
ATOM 426 C CA   . LYS A 1 27 ? 1.234   6.601   0.809   1.00 0.00 ? 27 LYS A CA   1 
ATOM 427 C C    . LYS A 1 27 ? 1.213   7.330   2.140   1.00 0.00 ? 27 LYS A C    1 
ATOM 428 O O    . LYS A 1 27 ? 2.128   7.164   2.942   1.00 0.00 ? 27 LYS A O    1 
ATOM 429 C CB   . LYS A 1 27 ? 1.967   7.337   -0.331  1.00 0.00 ? 27 LYS A CB   1 
ATOM 430 C CG   . LYS A 1 27 ? 1.430   8.736   -0.682  1.00 0.00 ? 27 LYS A CG   1 
ATOM 431 C CD   . LYS A 1 27 ? 2.471   9.855   -0.507  1.00 0.00 ? 27 LYS A CD   1 
ATOM 432 C CE   . LYS A 1 27 ? 2.909   10.041  0.954   1.00 0.00 ? 27 LYS A CE   1 
ATOM 433 N NZ   . LYS A 1 27 ? 3.821   11.187  1.106   1.00 0.00 ? 27 LYS A NZ   1 
ATOM 434 H H    . LYS A 1 27 ? -0.524  6.651   -0.361  1.00 0.00 ? 27 LYS A H    1 
ATOM 435 H HA   . LYS A 1 27 ? 1.812   5.686   0.952   1.00 0.00 ? 27 LYS A HA   1 
ATOM 436 H HB2  . LYS A 1 27 ? 3.024   7.402   -0.071  1.00 0.00 ? 27 LYS A HB2  1 
ATOM 437 H HB3  . LYS A 1 27 ? 1.911   6.713   -1.226  1.00 0.00 ? 27 LYS A HB3  1 
ATOM 438 H HG2  . LYS A 1 27 ? 1.114   8.735   -1.727  1.00 0.00 ? 27 LYS A HG2  1 
ATOM 439 H HG3  . LYS A 1 27 ? 0.559   8.971   -0.080  1.00 0.00 ? 27 LYS A HG3  1 
ATOM 440 H HD2  . LYS A 1 27 ? 3.344   9.634   -1.125  1.00 0.00 ? 27 LYS A HD2  1 
ATOM 441 H HD3  . LYS A 1 27 ? 2.027   10.787  -0.862  1.00 0.00 ? 27 LYS A HD3  1 
ATOM 442 H HE2  . LYS A 1 27 ? 2.033   10.216  1.577   1.00 0.00 ? 27 LYS A HE2  1 
ATOM 443 H HE3  . LYS A 1 27 ? 3.424   9.152   1.315   1.00 0.00 ? 27 LYS A HE3  1 
ATOM 444 H HZ1  . LYS A 1 27 ? 3.357   12.030  0.798   1.00 0.00 ? 27 LYS A HZ1  1 
ATOM 445 H HZ2  . LYS A 1 27 ? 4.084   11.282  2.077   1.00 0.00 ? 27 LYS A HZ2  1 
ATOM 446 H HZ3  . LYS A 1 27 ? 4.648   11.036  0.546   1.00 0.00 ? 27 LYS A HZ3  1 
ATOM 447 N N    . ASN A 1 28 ? 0.166   8.122   2.380   1.00 0.00 ? 28 ASN A N    1 
ATOM 448 C CA   . ASN A 1 28 ? -0.034  8.746   3.679   1.00 0.00 ? 28 ASN A CA   1 
ATOM 449 C C    . ASN A 1 28 ? -0.072  7.643   4.743   1.00 0.00 ? 28 ASN A C    1 
ATOM 450 O O    . ASN A 1 28 ? 0.565   7.784   5.779   1.00 0.00 ? 28 ASN A O    1 
ATOM 451 C CB   . ASN A 1 28 ? -1.257  9.684   3.769   1.00 0.00 ? 28 ASN A CB   1 
ATOM 452 C CG   . ASN A 1 28 ? -1.088  11.037  3.069   1.00 0.00 ? 28 ASN A CG   1 
ATOM 453 O OD1  . ASN A 1 28 ? 0.007   11.413  2.654   1.00 0.00 ? 28 ASN A OD1  1 
ATOM 454 N ND2  . ASN A 1 28 ? -2.189  11.782  2.929   1.00 0.00 ? 28 ASN A ND2  1 
ATOM 455 H H    . ASN A 1 28 ? -0.554  8.239   1.681   1.00 0.00 ? 28 ASN A H    1 
ATOM 456 H HA   . ASN A 1 28 ? 0.850   9.352   3.893   1.00 0.00 ? 28 ASN A HA   1 
ATOM 457 H HB2  . ASN A 1 28 ? -2.148  9.194   3.391   1.00 0.00 ? 28 ASN A HB2  1 
ATOM 458 H HB3  . ASN A 1 28 ? -1.433  9.910   4.823   1.00 0.00 ? 28 ASN A HB3  1 
ATOM 459 H HD21 . ASN A 1 28 ? -3.075  11.445  3.277   1.00 0.00 ? 28 ASN A HD21 1 
ATOM 460 H HD22 . ASN A 1 28 ? -2.131  12.680  2.470   1.00 0.00 ? 28 ASN A HD22 1 
ATOM 461 N N    . GLU A 1 29 ? -0.778  6.538   4.455   1.00 0.00 ? 29 GLU A N    1 
ATOM 462 C CA   . GLU A 1 29 ? -0.950  5.368   5.309   1.00 0.00 ? 29 GLU A CA   1 
ATOM 463 C C    . GLU A 1 29 ? 0.424   4.745   5.559   1.00 0.00 ? 29 GLU A C    1 
ATOM 464 O O    . GLU A 1 29 ? 0.704   4.267   6.659   1.00 0.00 ? 29 GLU A O    1 
ATOM 465 C CB   . GLU A 1 29 ? -2.006  4.399   4.718   1.00 0.00 ? 29 GLU A CB   1 
ATOM 466 C CG   . GLU A 1 29 ? -1.595  2.915   4.672   1.00 0.00 ? 29 GLU A CG   1 
ATOM 467 C CD   . GLU A 1 29 ? -2.762  1.989   4.318   1.00 0.00 ? 29 GLU A CD   1 
ATOM 468 O OE1  . GLU A 1 29 ? -3.606  2.357   3.502   1.00 0.00 ? 29 GLU A OE1  1 
ATOM 469 O OE2  . GLU A 1 29 ? -2.785  0.781   4.956   1.00 0.00 ? 29 GLU A OE2  1 
ATOM 470 H H    . GLU A 1 29 ? -1.221  6.494   3.550   1.00 0.00 ? 29 GLU A H    1 
ATOM 471 H HA   . GLU A 1 29 ? -1.330  5.717   6.272   1.00 0.00 ? 29 GLU A HA   1 
ATOM 472 H HB2  . GLU A 1 29 ? -2.912  4.490   5.319   1.00 0.00 ? 29 GLU A HB2  1 
ATOM 473 H HB3  . GLU A 1 29 ? -2.278  4.693   3.706   1.00 0.00 ? 29 GLU A HB3  1 
ATOM 474 H HG2  . GLU A 1 29 ? -0.808  2.774   3.930   1.00 0.00 ? 29 GLU A HG2  1 
ATOM 475 H HG3  . GLU A 1 29 ? -1.198  2.622   5.642   1.00 0.00 ? 29 GLU A HG3  1 
ATOM 476 H HE2  . GLU A 1 29 ? -2.049  0.651   5.556   1.00 0.00 ? 29 GLU A HE2  1 
ATOM 477 N N    . ALA A 1 30 ? 1.271   4.764   4.519   1.00 0.00 ? 30 ALA A N    1 
ATOM 478 C CA   . ALA A 1 30 ? 2.618   4.207   4.571   1.00 0.00 ? 30 ALA A CA   1 
ATOM 479 C C    . ALA A 1 30 ? 3.611   5.159   5.228   1.00 0.00 ? 30 ALA A C    1 
ATOM 480 O O    . ALA A 1 30 ? 4.777   4.799   5.375   1.00 0.00 ? 30 ALA A O    1 
ATOM 481 C CB   . ALA A 1 30 ? 3.069   3.821   3.154   1.00 0.00 ? 30 ALA A CB   1 
ATOM 482 H H    . ALA A 1 30 ? 0.969   5.162   3.642   1.00 0.00 ? 30 ALA A H    1 
ATOM 483 H HA   . ALA A 1 30 ? 2.597   3.286   5.158   1.00 0.00 ? 30 ALA A HA   1 
ATOM 484 H HB1  . ALA A 1 30 ? 2.329   3.170   2.687   1.00 0.00 ? 30 ALA A HB1  1 
ATOM 485 H HB2  . ALA A 1 30 ? 3.202   4.711   2.540   1.00 0.00 ? 30 ALA A HB2  1 
ATOM 486 H HB3  . ALA A 1 30 ? 4.019   3.286   3.200   1.00 0.00 ? 30 ALA A HB3  1 
ATOM 487 N N    . VAL A 1 31 ? 3.187   6.373   5.636   1.00 0.00 ? 31 VAL A N    1 
ATOM 488 C CA   . VAL A 1 31 ? 3.957   7.317   6.448   1.00 0.00 ? 31 VAL A CA   1 
ATOM 489 C C    . VAL A 1 31 ? 3.033   7.887   7.549   1.00 0.00 ? 31 VAL A C    1 
ATOM 490 O O    . VAL A 1 31 ? 2.971   9.098   7.760   1.00 0.00 ? 31 VAL A O    1 
ATOM 491 C CB   . VAL A 1 31 ? 4.627   8.401   5.560   1.00 0.00 ? 31 VAL A CB   1 
ATOM 492 C CG1  . VAL A 1 31 ? 5.680   9.205   6.351   1.00 0.00 ? 31 VAL A CG1  1 
ATOM 493 C CG2  . VAL A 1 31 ? 5.350   7.806   4.335   1.00 0.00 ? 31 VAL A CG2  1 
ATOM 494 H H    . VAL A 1 31 ? 2.231   6.636   5.446   1.00 0.00 ? 31 VAL A H    1 
ATOM 495 H HA   . VAL A 1 31 ? 4.756   6.779   6.959   1.00 0.00 ? 31 VAL A HA   1 
ATOM 496 H HB   . VAL A 1 31 ? 3.860   9.085   5.191   1.00 0.00 ? 31 VAL A HB   1 
ATOM 497 H HG11 . VAL A 1 31 ? 6.459   8.538   6.721   1.00 0.00 ? 31 VAL A HG11 1 
ATOM 498 H HG12 . VAL A 1 31 ? 6.138   9.953   5.703   1.00 0.00 ? 31 VAL A HG12 1 
ATOM 499 H HG13 . VAL A 1 31 ? 5.242   9.726   7.199   1.00 0.00 ? 31 VAL A HG13 1 
ATOM 500 H HG21 . VAL A 1 31 ? 6.113   7.096   4.656   1.00 0.00 ? 31 VAL A HG21 1 
ATOM 501 H HG22 . VAL A 1 31 ? 4.650   7.301   3.673   1.00 0.00 ? 31 VAL A HG22 1 
ATOM 502 H HG23 . VAL A 1 31 ? 5.831   8.601   3.765   1.00 0.00 ? 31 VAL A HG23 1 
ATOM 503 N N    . ARG A 1 32 ? 2.314   6.999   8.255   1.00 0.00 ? 32 ARG A N    1 
ATOM 504 C CA   . ARG A 1 32 ? 1.516   7.280   9.450   1.00 0.00 ? 32 ARG A CA   1 
ATOM 505 C C    . ARG A 1 32 ? 1.683   6.092   10.407  1.00 0.00 ? 32 ARG A C    1 
ATOM 506 O O    . ARG A 1 32 ? 2.315   6.230   11.454  1.00 0.00 ? 32 ARG A O    1 
ATOM 507 C CB   . ARG A 1 32 ? 0.031   7.522   9.097   1.00 0.00 ? 32 ARG A CB   1 
ATOM 508 C CG   . ARG A 1 32 ? -0.283  8.938   8.581   1.00 0.00 ? 32 ARG A CG   1 
ATOM 509 C CD   . ARG A 1 32 ? -0.224  10.006  9.683   1.00 0.00 ? 32 ARG A CD   1 
ATOM 510 N NE   . ARG A 1 32 ? -0.603  11.328  9.160   1.00 0.00 ? 32 ARG A NE   1 
ATOM 511 C CZ   . ARG A 1 32 ? -0.634  12.472  9.868   1.00 0.00 ? 32 ARG A CZ   1 
ATOM 512 N NH1  . ARG A 1 32 ? -0.309  12.494  11.171  1.00 0.00 ? 32 ARG A NH1  1 
ATOM 513 N NH2  . ARG A 1 32 ? -0.998  13.610  9.262   1.00 0.00 ? 32 ARG A NH2  1 
ATOM 514 H H    . ARG A 1 32 ? 2.395   6.026   7.994   1.00 0.00 ? 32 ARG A H    1 
ATOM 515 H HA   . ARG A 1 32 ? 1.913   8.159   9.958   1.00 0.00 ? 32 ARG A HA   1 
ATOM 516 H HB2  . ARG A 1 32 ? -0.282  6.794   8.345   1.00 0.00 ? 32 ARG A HB2  1 
ATOM 517 H HB3  . ARG A 1 32 ? -0.583  7.357   9.984   1.00 0.00 ? 32 ARG A HB3  1 
ATOM 518 H HG2  . ARG A 1 32 ? 0.406   9.216   7.785   1.00 0.00 ? 32 ARG A HG2  1 
ATOM 519 H HG3  . ARG A 1 32 ? -1.292  8.928   8.167   1.00 0.00 ? 32 ARG A HG3  1 
ATOM 520 H HD2  . ARG A 1 32 ? -0.909  9.732   10.486  1.00 0.00 ? 32 ARG A HD2  1 
ATOM 521 H HD3  . ARG A 1 32 ? 0.787   10.070  10.086  1.00 0.00 ? 32 ARG A HD3  1 
ATOM 522 H HE   . ARG A 1 32 ? -0.857  11.367  8.183   1.00 0.00 ? 32 ARG A HE   1 
ATOM 523 H HH11 . ARG A 1 32 ? -0.033  11.642  11.640  1.00 0.00 ? 32 ARG A HH11 1 
ATOM 524 H HH12 . ARG A 1 32 ? -0.338  13.363  11.684  1.00 0.00 ? 32 ARG A HH12 1 
ATOM 525 H HH21 . ARG A 1 32 ? -1.245  13.605  8.282   1.00 0.00 ? 32 ARG A HH21 1 
ATOM 526 H HH22 . ARG A 1 32 ? -1.026  14.474  9.783   1.00 0.00 ? 32 ARG A HH22 1 
ATOM 527 N N    . HIS A 1 33 ? 1.143   4.923   10.024  1.00 0.00 ? 33 HIS A N    1 
ATOM 528 C CA   . HIS A 1 33 ? 1.359   3.641   10.693  1.00 0.00 ? 33 HIS A CA   1 
ATOM 529 C C    . HIS A 1 33 ? 2.390   2.833   9.891   1.00 0.00 ? 33 HIS A C    1 
ATOM 530 O O    . HIS A 1 33 ? 2.086   1.768   9.355   1.00 0.00 ? 33 HIS A O    1 
ATOM 531 C CB   . HIS A 1 33 ? 0.018   2.919   10.932  1.00 0.00 ? 33 HIS A CB   1 
ATOM 532 C CG   . HIS A 1 33 ? -0.868  2.732   9.721   1.00 0.00 ? 33 HIS A CG   1 
ATOM 533 N ND1  . HIS A 1 33 ? -1.653  3.752   9.206   1.00 0.00 ? 33 HIS A ND1  1 
ATOM 534 C CD2  . HIS A 1 33 ? -1.087  1.611   8.961   1.00 0.00 ? 33 HIS A CD2  1 
ATOM 535 C CE1  . HIS A 1 33 ? -2.350  3.217   8.193   1.00 0.00 ? 33 HIS A CE1  1 
ATOM 536 N NE2  . HIS A 1 33 ? -2.038  1.924   8.012   1.00 0.00 ? 33 HIS A NE2  1 
ATOM 537 H H    . HIS A 1 33 ? 0.639   4.897   9.149   1.00 0.00 ? 33 HIS A H    1 
ATOM 538 H HA   . HIS A 1 33 ? 1.788   3.799   11.685  1.00 0.00 ? 33 HIS A HA   1 
ATOM 539 H HB2  . HIS A 1 33 ? 0.213   1.941   11.372  1.00 0.00 ? 33 HIS A HB2  1 
ATOM 540 H HB3  . HIS A 1 33 ? -0.550  3.494   11.666  1.00 0.00 ? 33 HIS A HB3  1 
ATOM 541 H HD1  . HIS A 1 33 ? -1.706  4.702   9.543   1.00 0.00 ? 33 HIS A HD1  1 
ATOM 542 H HD2  . HIS A 1 33 ? -0.633  0.641   9.109   1.00 0.00 ? 33 HIS A HD2  1 
ATOM 543 H HE1  . HIS A 1 33 ? -3.074  3.757   7.602   1.00 0.00 ? 33 HIS A HE1  1 
ATOM 544 H HE2  . HIS A 1 33 ? -2.417  1.297   7.315   1.00 0.00 ? 33 HIS A HE2  1 
ATOM 545 N N    . PHE A 1 34 ? 3.618   3.372   9.829   1.00 0.00 ? 34 PHE A N    1 
ATOM 546 C CA   . PHE A 1 34 ? 4.789   2.840   9.167   1.00 0.00 ? 34 PHE A CA   1 
ATOM 547 C C    . PHE A 1 34 ? 5.969   2.324   9.996   1.00 0.00 ? 34 PHE A C    1 
ATOM 548 O O    . PHE A 1 34 ? 6.898   1.814   9.372   1.00 0.00 ? 34 PHE A O    1 
ATOM 549 C CB   . PHE A 1 34 ? 5.315   3.961   8.248   1.00 0.00 ? 34 PHE A CB   1 
ATOM 550 C CG   . PHE A 1 34 ? 6.106   5.062   8.949   1.00 0.00 ? 34 PHE A CG   1 
ATOM 551 C CD1  . PHE A 1 34 ? 5.434   6.113   9.613   1.00 0.00 ? 34 PHE A CD1  1 
ATOM 552 C CD2  . PHE A 1 34 ? 7.519   5.019   8.973   1.00 0.00 ? 34 PHE A CD2  1 
ATOM 553 C CE1  . PHE A 1 34 ? 6.162   7.110   10.293  1.00 0.00 ? 34 PHE A CE1  1 
ATOM 554 C CE2  . PHE A 1 34 ? 8.248   6.001   9.675   1.00 0.00 ? 34 PHE A CE2  1 
ATOM 555 C CZ   . PHE A 1 34 ? 7.571   7.053   10.327  1.00 0.00 ? 34 PHE A CZ   1 
ATOM 556 H H    . PHE A 1 34 ? 3.744   4.257   10.298  1.00 0.00 ? 34 PHE A H    1 
ATOM 557 H HA   . PHE A 1 34 ? 4.457   2.034   8.517   1.00 0.00 ? 34 PHE A HA   1 
ATOM 558 H HB2  . PHE A 1 34 ? 5.940   3.514   7.472   1.00 0.00 ? 34 PHE A HB2  1 
ATOM 559 H HB3  . PHE A 1 34 ? 4.461   4.419   7.748   1.00 0.00 ? 34 PHE A HB3  1 
ATOM 560 H HD1  . PHE A 1 34 ? 4.359   6.147   9.620   1.00 0.00 ? 34 PHE A HD1  1 
ATOM 561 H HD2  . PHE A 1 34 ? 8.046   4.217   8.477   1.00 0.00 ? 34 PHE A HD2  1 
ATOM 562 H HE1  . PHE A 1 34 ? 5.641   7.912   10.795  1.00 0.00 ? 34 PHE A HE1  1 
ATOM 563 H HE2  . PHE A 1 34 ? 9.323   5.946   9.726   1.00 0.00 ? 34 PHE A HE2  1 
ATOM 564 H HZ   . PHE A 1 34 ? 8.130   7.809   10.859  1.00 0.00 ? 34 PHE A HZ   1 
ATOM 565 N N    . PRO A 1 35 ? 6.017   2.380   11.339  1.00 0.00 ? 35 PRO A N    1 
ATOM 566 C CA   . PRO A 1 35 ? 7.119   1.761   12.040  1.00 0.00 ? 35 PRO A CA   1 
ATOM 567 C C    . PRO A 1 35 ? 7.348   0.300   11.712  1.00 0.00 ? 35 PRO A C    1 
ATOM 568 O O    . PRO A 1 35 ? 8.484   -0.057  11.431  1.00 0.00 ? 35 PRO A O    1 
ATOM 569 C CB   . PRO A 1 35 ? 6.799   1.951   13.531  1.00 0.00 ? 35 PRO A CB   1 
ATOM 570 C CG   . PRO A 1 35 ? 5.987   3.245   13.547  1.00 0.00 ? 35 PRO A CG   1 
ATOM 571 C CD   . PRO A 1 35 ? 5.186   3.155   12.247  1.00 0.00 ? 35 PRO A CD   1 
ATOM 572 H HA   . PRO A 1 35 ? 8.021   2.339   11.816  1.00 0.00 ? 35 PRO A HA   1 
ATOM 573 H HB2  . PRO A 1 35 ? 6.166   1.142   13.902  1.00 0.00 ? 35 PRO A HB2  1 
ATOM 574 H HB3  . PRO A 1 35 ? 7.700   2.022   14.143  1.00 0.00 ? 35 PRO A HB3  1 
ATOM 575 H HG2  . PRO A 1 35 ? 5.347   3.326   14.427  1.00 0.00 ? 35 PRO A HG2  1 
ATOM 576 H HG3  . PRO A 1 35 ? 6.667   4.098   13.502  1.00 0.00 ? 35 PRO A HG3  1 
ATOM 577 H HD2  . PRO A 1 35 ? 4.247   2.631   12.422  1.00 0.00 ? 35 PRO A HD2  1 
ATOM 578 H HD3  . PRO A 1 35 ? 4.998   4.164   11.879  1.00 0.00 ? 35 PRO A HD3  1 
ATOM 579 N N    . ARG A 1 36 ? 6.302   -0.540  11.719  1.00 0.00 ? 36 ARG A N    1 
ATOM 580 C CA   . ARG A 1 36 ? 6.489   -1.952  11.470  1.00 0.00 ? 36 ARG A CA   1 
ATOM 581 C C    . ARG A 1 36 ? 6.429   -2.243  9.980   1.00 0.00 ? 36 ARG A C    1 
ATOM 582 O O    . ARG A 1 36 ? 6.524   -3.396  9.572   1.00 0.00 ? 36 ARG A O    1 
ATOM 583 C CB   . ARG A 1 36 ? 5.455   -2.760  12.273  1.00 0.00 ? 36 ARG A CB   1 
ATOM 584 C CG   . ARG A 1 36 ? 5.469   -2.457  13.789  1.00 0.00 ? 36 ARG A CG   1 
ATOM 585 C CD   . ARG A 1 36 ? 4.087   -2.047  14.318  1.00 0.00 ? 36 ARG A CD   1 
ATOM 586 N NE   . ARG A 1 36 ? 3.613   -0.796  13.703  1.00 0.00 ? 36 ARG A NE   1 
ATOM 587 C CZ   . ARG A 1 36 ? 2.376   -0.282  13.819  1.00 0.00 ? 36 ARG A CZ   1 
ATOM 588 N NH1  . ARG A 1 36 ? 1.446   -0.869  14.589  1.00 0.00 ? 36 ARG A NH1  1 
ATOM 589 N NH2  . ARG A 1 36 ? 2.065   0.838   13.152  1.00 0.00 ? 36 ARG A NH2  1 
ATOM 590 H H    . ARG A 1 36 ? 5.374   -0.194  11.914  1.00 0.00 ? 36 ARG A H    1 
ATOM 591 H HA   . ARG A 1 36 ? 7.465   -2.276  11.817  1.00 0.00 ? 36 ARG A HA   1 
ATOM 592 H HB2  . ARG A 1 36 ? 4.461   -2.591  11.855  1.00 0.00 ? 36 ARG A HB2  1 
ATOM 593 H HB3  . ARG A 1 36 ? 5.696   -3.814  12.157  1.00 0.00 ? 36 ARG A HB3  1 
ATOM 594 H HG2  . ARG A 1 36 ? 5.783   -3.355  14.324  1.00 0.00 ? 36 ARG A HG2  1 
ATOM 595 H HG3  . ARG A 1 36 ? 6.189   -1.674  14.032  1.00 0.00 ? 36 ARG A HG3  1 
ATOM 596 H HD2  . ARG A 1 36 ? 3.379   -2.852  14.113  1.00 0.00 ? 36 ARG A HD2  1 
ATOM 597 H HD3  . ARG A 1 36 ? 4.150   -1.904  15.398  1.00 0.00 ? 36 ARG A HD3  1 
ATOM 598 H HE   . ARG A 1 36 ? 4.280   -0.293  13.137  1.00 0.00 ? 36 ARG A HE   1 
ATOM 599 H HH11 . ARG A 1 36 ? 1.667   -1.713  15.099  1.00 0.00 ? 36 ARG A HH11 1 
ATOM 600 H HH12 . ARG A 1 36 ? 0.522   -0.467  14.661  1.00 0.00 ? 36 ARG A HH12 1 
ATOM 601 H HH21 . ARG A 1 36 ? 2.746   1.273   12.548  1.00 0.00 ? 36 ARG A HH21 1 
ATOM 602 H HH22 . ARG A 1 36 ? 1.142   1.239   13.240  1.00 0.00 ? 36 ARG A HH22 1 
ATOM 603 N N    . ILE A 1 37 ? 6.400   -1.183  9.168   1.00 0.00 ? 37 ILE A N    1 
ATOM 604 C CA   . ILE A 1 37 ? 6.522   -1.309  7.734   1.00 0.00 ? 37 ILE A CA   1 
ATOM 605 C C    . ILE A 1 37 ? 8.035   -1.189  7.503   1.00 0.00 ? 37 ILE A C    1 
ATOM 606 O O    . ILE A 1 37 ? 8.521   -1.518  6.424   1.00 0.00 ? 37 ILE A O    1 
ATOM 607 C CB   . ILE A 1 37 ? 5.666   -0.253  6.995   1.00 0.00 ? 37 ILE A CB   1 
ATOM 608 C CG1  . ILE A 1 37 ? 4.155   -0.588  7.026   1.00 0.00 ? 37 ILE A CG1  1 
ATOM 609 C CG2  . ILE A 1 37 ? 6.068   -0.091  5.517   1.00 0.00 ? 37 ILE A CG2  1 
ATOM 610 C CD1  . ILE A 1 37 ? 3.570   -0.913  8.408   1.00 0.00 ? 37 ILE A CD1  1 
ATOM 611 H H    . ILE A 1 37 ? 6.350   -0.245  9.535   1.00 0.00 ? 37 ILE A H    1 
ATOM 612 H HA   . ILE A 1 37 ? 6.203   -2.293  7.383   1.00 0.00 ? 37 ILE A HA   1 
ATOM 613 H HB   . ILE A 1 37 ? 5.823   0.717   7.455   1.00 0.00 ? 37 ILE A HB   1 
ATOM 614 H HG12 . ILE A 1 37 ? 3.608   0.270   6.627   1.00 0.00 ? 37 ILE A HG12 1 
ATOM 615 H HG13 . ILE A 1 37 ? 3.961   -1.442  6.375   1.00 0.00 ? 37 ILE A HG13 1 
ATOM 616 H HG21 . ILE A 1 37 ? 6.048   -1.057  5.011   1.00 0.00 ? 37 ILE A HG21 1 
ATOM 617 H HG22 . ILE A 1 37 ? 5.378   0.586   5.013   1.00 0.00 ? 37 ILE A HG22 1 
ATOM 618 H HG23 . ILE A 1 37 ? 7.068   0.339   5.437   1.00 0.00 ? 37 ILE A HG23 1 
ATOM 619 H HD11 . ILE A 1 37 ? 3.877   -0.170  9.143   1.00 0.00 ? 37 ILE A HD11 1 
ATOM 620 H HD12 . ILE A 1 37 ? 2.481   -0.921  8.346   1.00 0.00 ? 37 ILE A HD12 1 
ATOM 621 H HD13 . ILE A 1 37 ? 3.893   -1.902  8.732   1.00 0.00 ? 37 ILE A HD13 1 
ATOM 622 N N    . TRP A 1 38 ? 8.779   -0.795  8.556   1.00 0.00 ? 38 TRP A N    1 
ATOM 623 C CA   . TRP A 1 38 ? 10.232  -0.842  8.581   1.00 0.00 ? 38 TRP A CA   1 
ATOM 624 C C    . TRP A 1 38 ? 10.665  -2.057  9.422   1.00 0.00 ? 38 TRP A C    1 
ATOM 625 O O    . TRP A 1 38 ? 11.492  -2.846  8.979   1.00 0.00 ? 38 TRP A O    1 
ATOM 626 C CB   . TRP A 1 38 ? 10.824  0.477   9.115   1.00 0.00 ? 38 TRP A CB   1 
ATOM 627 C CG   . TRP A 1 38 ? 10.629  1.728   8.300   1.00 0.00 ? 38 TRP A CG   1 
ATOM 628 C CD1  . TRP A 1 38 ? 9.963   1.838   7.126   1.00 0.00 ? 38 TRP A CD1  1 
ATOM 629 C CD2  . TRP A 1 38 ? 11.130  3.070   8.588   1.00 0.00 ? 38 TRP A CD2  1 
ATOM 630 N NE1  . TRP A 1 38 ? 10.022  3.136   6.661   1.00 0.00 ? 38 TRP A NE1  1 
ATOM 631 C CE2  . TRP A 1 38 ? 10.743  3.939   7.519   1.00 0.00 ? 38 TRP A CE2  1 
ATOM 632 C CE3  . TRP A 1 38 ? 11.891  3.641   9.639   1.00 0.00 ? 38 TRP A CE3  1 
ATOM 633 C CZ2  . TRP A 1 38 ? 11.097  5.301   7.491   1.00 0.00 ? 38 TRP A CZ2  1 
ATOM 634 C CZ3  . TRP A 1 38 ? 12.254  5.006   9.620   1.00 0.00 ? 38 TRP A CZ3  1 
ATOM 635 C CH2  . TRP A 1 38 ? 11.864  5.834   8.545   1.00 0.00 ? 38 TRP A CH2  1 
ATOM 636 H H    . TRP A 1 38 ? 8.353   -0.476  9.413   1.00 0.00 ? 38 TRP A H    1 
ATOM 637 H HA   . TRP A 1 38 ? 10.633  -0.977  7.573   1.00 0.00 ? 38 TRP A HA   1 
ATOM 638 H HB2  . TRP A 1 38 ? 10.448  0.675   10.118  1.00 0.00 ? 38 TRP A HB2  1 
ATOM 639 H HB3  . TRP A 1 38 ? 11.903  0.338   9.201   1.00 0.00 ? 38 TRP A HB3  1 
ATOM 640 H HD1  . TRP A 1 38 ? 9.470   1.037   6.598   1.00 0.00 ? 38 TRP A HD1  1 
ATOM 641 H HE1  . TRP A 1 38 ? 9.610   3.471   5.802   1.00 0.00 ? 38 TRP A HE1  1 
ATOM 642 H HE3  . TRP A 1 38 ? 12.204  3.019   10.465  1.00 0.00 ? 38 TRP A HE3  1 
ATOM 643 H HZ2  . TRP A 1 38 ? 10.786  5.930   6.668   1.00 0.00 ? 38 TRP A HZ2  1 
ATOM 644 H HZ3  . TRP A 1 38 ? 12.836  5.418   10.431  1.00 0.00 ? 38 TRP A HZ3  1 
ATOM 645 H HH2  . TRP A 1 38 ? 12.148  6.877   8.536   1.00 0.00 ? 38 TRP A HH2  1 
ATOM 646 N N    . LEU A 1 39 ? 10.075  -2.226  10.615  1.00 0.00 ? 39 LEU A N    1 
ATOM 647 C CA   . LEU A 1 39 ? 10.417  -3.211  11.644  1.00 0.00 ? 39 LEU A CA   1 
ATOM 648 C C    . LEU A 1 39 ? 9.906   -4.633  11.412  1.00 0.00 ? 39 LEU A C    1 
ATOM 649 O O    . LEU A 1 39 ? 10.731  -5.531  11.540  1.00 0.00 ? 39 LEU A O    1 
ATOM 650 C CB   . LEU A 1 39 ? 10.082  -2.661  13.049  1.00 0.00 ? 39 LEU A CB   1 
ATOM 651 C CG   . LEU A 1 39 ? 10.702  -3.458  14.220  1.00 0.00 ? 39 LEU A CG   1 
ATOM 652 C CD1  . LEU A 1 39 ? 10.965  -2.521  15.411  1.00 0.00 ? 39 LEU A CD1  1 
ATOM 653 C CD2  . LEU A 1 39 ? 9.793   -4.605  14.699  1.00 0.00 ? 39 LEU A CD2  1 
ATOM 654 H H    . LEU A 1 39 ? 9.350   -1.574  10.864  1.00 0.00 ? 39 LEU A H    1 
ATOM 655 H HA   . LEU A 1 39 ? 11.510  -3.260  11.627  1.00 0.00 ? 39 LEU A HA   1 
ATOM 656 H HB2  . LEU A 1 39 ? 10.476  -1.643  13.089  1.00 0.00 ? 39 LEU A HB2  1 
ATOM 657 H HB3  . LEU A 1 39 ? 9.008   -2.598  13.208  1.00 0.00 ? 39 LEU A HB3  1 
ATOM 658 H HG   . LEU A 1 39 ? 11.663  -3.873  13.910  1.00 0.00 ? 39 LEU A HG   1 
ATOM 659 H HD11 . LEU A 1 39 ? 10.032  -2.066  15.746  1.00 0.00 ? 39 LEU A HD11 1 
ATOM 660 H HD12 . LEU A 1 39 ? 11.405  -3.079  16.238  1.00 0.00 ? 39 LEU A HD12 1 
ATOM 661 H HD13 . LEU A 1 39 ? 11.661  -1.732  15.120  1.00 0.00 ? 39 LEU A HD13 1 
ATOM 662 H HD21 . LEU A 1 39 ? 8.827   -4.211  15.019  1.00 0.00 ? 39 LEU A HD21 1 
ATOM 663 H HD22 . LEU A 1 39 ? 9.627   -5.339  13.915  1.00 0.00 ? 39 LEU A HD22 1 
ATOM 664 H HD23 . LEU A 1 39 ? 10.258  -5.117  15.543  1.00 0.00 ? 39 LEU A HD23 1 
ATOM 665 N N    . HIS A 1 40 ? 8.619   -4.905  11.112  1.00 0.00 ? 40 HIS A N    1 
ATOM 666 C CA   . HIS A 1 40 ? 8.246   -6.282  10.790  1.00 0.00 ? 40 HIS A CA   1 
ATOM 667 C C    . HIS A 1 40 ? 8.609   -6.578  9.339   1.00 0.00 ? 40 HIS A C    1 
ATOM 668 O O    . HIS A 1 40 ? 8.759   -7.742  8.986   1.00 0.00 ? 40 HIS A O    1 
ATOM 669 C CB   . HIS A 1 40 ? 6.767   -6.606  11.119  1.00 0.00 ? 40 HIS A CB   1 
ATOM 670 C CG   . HIS A 1 40 ? 5.685   -6.146  10.157  1.00 0.00 ? 40 HIS A CG   1 
ATOM 671 N ND1  . HIS A 1 40 ? 4.550   -5.469  10.583  1.00 0.00 ? 40 HIS A ND1  1 
ATOM 672 C CD2  . HIS A 1 40 ? 5.561   -6.324  8.798   1.00 0.00 ? 40 HIS A CD2  1 
ATOM 673 C CE1  . HIS A 1 40 ? 3.818   -5.211  9.490   1.00 0.00 ? 40 HIS A CE1  1 
ATOM 674 N NE2  . HIS A 1 40 ? 4.396   -5.709  8.387   1.00 0.00 ? 40 HIS A NE2  1 
ATOM 675 H H    . HIS A 1 40 ? 7.936   -4.168  11.004  1.00 0.00 ? 40 HIS A H    1 
ATOM 676 H HA   . HIS A 1 40 ? 8.814   -6.968  11.423  1.00 0.00 ? 40 HIS A HA   1 
ATOM 677 H HB2  . HIS A 1 40 ? 6.674   -7.692  11.165  1.00 0.00 ? 40 HIS A HB2  1 
ATOM 678 H HB3  . HIS A 1 40 ? 6.545   -6.228  12.119  1.00 0.00 ? 40 HIS A HB3  1 
ATOM 679 H HD1  . HIS A 1 40 ? 4.323   -5.212  11.533  1.00 0.00 ? 40 HIS A HD1  1 
ATOM 680 H HD2  . HIS A 1 40 ? 6.242   -6.850  8.148   1.00 0.00 ? 40 HIS A HD2  1 
ATOM 681 H HE1  . HIS A 1 40 ? 2.879   -4.675  9.498   1.00 0.00 ? 40 HIS A HE1  1 
ATOM 682 H HE2  . HIS A 1 40 ? 4.047   -5.661  7.441   1.00 0.00 ? 40 HIS A HE2  1 
ATOM 683 N N    . SER A 1 41 ? 8.756   -5.549  8.495   1.00 0.00 ? 41 SER A N    1 
ATOM 684 C CA   . SER A 1 41 ? 9.229   -5.737  7.136   1.00 0.00 ? 41 SER A CA   1 
ATOM 685 C C    . SER A 1 41 ? 10.673  -6.238  7.180   1.00 0.00 ? 41 SER A C    1 
ATOM 686 O O    . SER A 1 41 ? 11.001  -7.196  6.491   1.00 0.00 ? 41 SER A O    1 
ATOM 687 C CB   . SER A 1 41 ? 9.121   -4.423  6.356   1.00 0.00 ? 41 SER A CB   1 
ATOM 688 O OG   . SER A 1 41 ? 9.521   -4.598  5.013   1.00 0.00 ? 41 SER A OG   1 
ATOM 689 H H    . SER A 1 41 ? 8.594   -4.604  8.814   1.00 0.00 ? 41 SER A H    1 
ATOM 690 H HA   . SER A 1 41 ? 8.595   -6.475  6.639   1.00 0.00 ? 41 SER A HA   1 
ATOM 691 H HB2  . SER A 1 41 ? 8.085   -4.082  6.365   1.00 0.00 ? 41 SER A HB2  1 
ATOM 692 H HB3  . SER A 1 41 ? 9.760   -3.668  6.817   1.00 0.00 ? 41 SER A HB3  1 
ATOM 693 H HG   . SER A 1 41 ? 10.437  -4.888  5.000   1.00 0.00 ? 41 SER A HG   1 
ATOM 694 N N    . LEU A 1 42 ? 11.522  -5.607  8.001   1.00 0.00 ? 42 LEU A N    1 
ATOM 695 C CA   . LEU A 1 42 ? 12.903  -6.028  8.242   1.00 0.00 ? 42 LEU A CA   1 
ATOM 696 C C    . LEU A 1 42 ? 12.933  -7.307  9.050   1.00 0.00 ? 42 LEU A C    1 
ATOM 697 O O    . LEU A 1 42 ? 13.729  -8.188  8.755   1.00 0.00 ? 42 LEU A O    1 
ATOM 698 C CB   . LEU A 1 42 ? 13.662  -4.897  8.968   1.00 0.00 ? 42 LEU A CB   1 
ATOM 699 C CG   . LEU A 1 42 ? 15.114  -5.222  9.380   1.00 0.00 ? 42 LEU A CG   1 
ATOM 700 C CD1  . LEU A 1 42 ? 16.016  -5.480  8.165   1.00 0.00 ? 42 LEU A CD1  1 
ATOM 701 C CD2  . LEU A 1 42 ? 15.687  -4.056  10.201  1.00 0.00 ? 42 LEU A CD2  1 
ATOM 702 H H    . LEU A 1 42 ? 11.185  -4.813  8.530   1.00 0.00 ? 42 LEU A H    1 
ATOM 703 H HA   . LEU A 1 42 ? 13.390  -6.205  7.287   1.00 0.00 ? 42 LEU A HA   1 
ATOM 704 H HB2  . LEU A 1 42 ? 13.681  -4.018  8.322   1.00 0.00 ? 42 LEU A HB2  1 
ATOM 705 H HB3  . LEU A 1 42 ? 13.113  -4.646  9.879   1.00 0.00 ? 42 LEU A HB3  1 
ATOM 706 H HG   . LEU A 1 42 ? 15.124  -6.106  10.018  1.00 0.00 ? 42 LEU A HG   1 
ATOM 707 H HD11 . LEU A 1 42 ? 16.014  -4.613  7.503   1.00 0.00 ? 42 LEU A HD11 1 
ATOM 708 H HD12 . LEU A 1 42 ? 17.038  -5.671  8.494   1.00 0.00 ? 42 LEU A HD12 1 
ATOM 709 H HD13 . LEU A 1 42 ? 15.667  -6.352  7.617   1.00 0.00 ? 42 LEU A HD13 1 
ATOM 710 H HD21 . LEU A 1 42 ? 15.076  -3.888  11.089  1.00 0.00 ? 42 LEU A HD21 1 
ATOM 711 H HD22 . LEU A 1 42 ? 16.704  -4.288  10.520  1.00 0.00 ? 42 LEU A HD22 1 
ATOM 712 H HD23 . LEU A 1 42 ? 15.703  -3.143  9.603   1.00 0.00 ? 42 LEU A HD23 1 
ATOM 713 N N    . GLY A 1 43 ? 12.059  -7.406  10.054  1.00 0.00 ? 43 GLY A N    1 
ATOM 714 C CA   . GLY A 1 43 ? 11.895  -8.618  10.843  1.00 0.00 ? 43 GLY A CA   1 
ATOM 715 C C    . GLY A 1 43 ? 11.700  -9.795  9.896   1.00 0.00 ? 43 GLY A C    1 
ATOM 716 O O    . GLY A 1 43 ? 12.317  -10.848 10.055  1.00 0.00 ? 43 GLY A O    1 
ATOM 717 H H    . GLY A 1 43 ? 11.417  -6.648  10.218  1.00 0.00 ? 43 GLY A H    1 
ATOM 718 H HA2  . GLY A 1 43 ? 12.774  -8.769  11.473  1.00 0.00 ? 43 GLY A HA2  1 
ATOM 719 H HA3  . GLY A 1 43 ? 11.016  -8.515  11.479  1.00 0.00 ? 43 GLY A HA3  1 
ATOM 720 N N    . GLN A 1 44 ? 10.878  -9.560  8.869   1.00 0.00 ? 44 GLN A N    1 
ATOM 721 C CA   . GLN A 1 44 ? 10.657  -10.509 7.799   1.00 0.00 ? 44 GLN A CA   1 
ATOM 722 C C    . GLN A 1 44 ? 11.918  -10.662 6.942   1.00 0.00 ? 44 GLN A C    1 
ATOM 723 O O    . GLN A 1 44 ? 12.351  -11.794 6.745   1.00 0.00 ? 44 GLN A O    1 
ATOM 724 C CB   . GLN A 1 44 ? 9.412   -10.127 6.976   1.00 0.00 ? 44 GLN A CB   1 
ATOM 725 C CG   . GLN A 1 44 ? 9.110   -11.173 5.892   1.00 0.00 ? 44 GLN A CG   1 
ATOM 726 C CD   . GLN A 1 44 ? 7.834   -10.847 5.112   1.00 0.00 ? 44 GLN A CD   1 
ATOM 727 O OE1  . GLN A 1 44 ? 6.846   -11.574 5.199   1.00 0.00 ? 44 GLN A OE1  1 
ATOM 728 N NE2  . GLN A 1 44 ? 7.851   -9.757  4.341   1.00 0.00 ? 44 GLN A NE2  1 
ATOM 729 H H    . GLN A 1 44 ? 10.428  -8.660  8.793   1.00 0.00 ? 44 GLN A H    1 
ATOM 730 H HA   . GLN A 1 44 ? 10.432  -11.475 8.260   1.00 0.00 ? 44 GLN A HA   1 
ATOM 731 H HB2  . GLN A 1 44 ? 8.552   -10.069 7.645   1.00 0.00 ? 44 GLN A HB2  1 
ATOM 732 H HB3  . GLN A 1 44 ? 9.549   -9.156  6.506   1.00 0.00 ? 44 GLN A HB3  1 
ATOM 733 H HG2  . GLN A 1 44 ? 9.942   -11.222 5.187   1.00 0.00 ? 44 GLN A HG2  1 
ATOM 734 H HG3  . GLN A 1 44 ? 9.002   -12.147 6.370   1.00 0.00 ? 44 GLN A HG3  1 
ATOM 735 H HE21 . GLN A 1 44 ? 8.682   -9.185  4.292   1.00 0.00 ? 44 GLN A HE21 1 
ATOM 736 H HE22 . GLN A 1 44 ? 7.031   -9.508  3.808   1.00 0.00 ? 44 GLN A HE22 1 
ATOM 737 N N    . HIS A 1 45 ? 12.535  -9.567  6.460   1.00 0.00 ? 45 HIS A N    1 
ATOM 738 C CA   . HIS A 1 45 ? 13.751  -9.654  5.649   1.00 0.00 ? 45 HIS A CA   1 
ATOM 739 C C    . HIS A 1 45 ? 15.029  -9.781  6.495   1.00 0.00 ? 45 HIS A C    1 
ATOM 740 O O    . HIS A 1 45 ? 16.047  -9.151  6.215   1.00 0.00 ? 45 HIS A O    1 
ATOM 741 C CB   . HIS A 1 45 ? 13.780  -8.675  4.451   1.00 0.00 ? 45 HIS A CB   1 
ATOM 742 C CG   . HIS A 1 45 ? 13.931  -7.191  4.699   1.00 0.00 ? 45 HIS A CG   1 
ATOM 743 N ND1  . HIS A 1 45 ? 12.865  -6.308  4.617   1.00 0.00 ? 45 HIS A ND1  1 
ATOM 744 C CD2  . HIS A 1 45 ? 15.059  -6.451  4.946   1.00 0.00 ? 45 HIS A CD2  1 
ATOM 745 C CE1  . HIS A 1 45 ? 13.366  -5.079  4.815   1.00 0.00 ? 45 HIS A CE1  1 
ATOM 746 N NE2  . HIS A 1 45 ? 14.691  -5.122  5.018   1.00 0.00 ? 45 HIS A NE2  1 
ATOM 747 H H    . HIS A 1 45 ? 12.175  -8.651  6.681   1.00 0.00 ? 45 HIS A H    1 
ATOM 748 H HA   . HIS A 1 45 ? 13.713  -10.612 5.125   1.00 0.00 ? 45 HIS A HA   1 
ATOM 749 H HB2  . HIS A 1 45 ? 14.607  -8.968  3.801   1.00 0.00 ? 45 HIS A HB2  1 
ATOM 750 H HB3  . HIS A 1 45 ? 12.864  -8.826  3.875   1.00 0.00 ? 45 HIS A HB3  1 
ATOM 751 H HD1  . HIS A 1 45 ? 11.897  -6.545  4.451   1.00 0.00 ? 45 HIS A HD1  1 
ATOM 752 H HD2  . HIS A 1 45 ? 16.069  -6.827  5.025   1.00 0.00 ? 45 HIS A HD2  1 
ATOM 753 H HE1  . HIS A 1 45 ? 12.777  -4.174  4.814   1.00 0.00 ? 45 HIS A HE1  1 
ATOM 754 H HE2  . HIS A 1 45 ? 15.308  -4.340  5.185   1.00 0.00 ? 45 HIS A HE2  1 
ATOM 755 N N    . ILE A 1 46 ? 14.958  -10.655 7.506   1.00 0.00 ? 46 ILE A N    1 
ATOM 756 C CA   . ILE A 1 46 ? 16.010  -11.104 8.403   1.00 0.00 ? 46 ILE A CA   1 
ATOM 757 C C    . ILE A 1 46 ? 15.721  -12.575 8.642   1.00 0.00 ? 46 ILE A C    1 
ATOM 758 O O    . ILE A 1 46 ? 16.526  -13.442 8.310   1.00 0.00 ? 46 ILE A O    1 
ATOM 759 C CB   . ILE A 1 46 ? 16.082  -10.269 9.707   1.00 0.00 ? 46 ILE A CB   1 
ATOM 760 C CG1  . ILE A 1 46 ? 16.703  -8.870  9.489   1.00 0.00 ? 46 ILE A CG1  1 
ATOM 761 C CG2  . ILE A 1 46 ? 16.849  -11.001 10.826  1.00 0.00 ? 46 ILE A CG2  1 
ATOM 762 C CD1  . ILE A 1 46 ? 18.205  -8.856  9.168   1.00 0.00 ? 46 ILE A CD1  1 
ATOM 763 H H    . ILE A 1 46 ? 14.069  -11.113 7.634   1.00 0.00 ? 46 ILE A H    1 
ATOM 764 H HA   . ILE A 1 46 ? 16.971  -11.046 7.889   1.00 0.00 ? 46 ILE A HA   1 
ATOM 765 H HB   . ILE A 1 46 ? 15.064  -10.120 10.076  1.00 0.00 ? 46 ILE A HB   1 
ATOM 766 H HG12 . ILE A 1 46 ? 16.189  -8.366  8.677   1.00 0.00 ? 46 ILE A HG12 1 
ATOM 767 H HG13 . ILE A 1 46 ? 16.550  -8.279  10.394  1.00 0.00 ? 46 ILE A HG13 1 
ATOM 768 H HG21 . ILE A 1 46 ? 17.823  -11.335 10.467  1.00 0.00 ? 46 ILE A HG21 1 
ATOM 769 H HG22 . ILE A 1 46 ? 16.990  -10.338 11.680  1.00 0.00 ? 46 ILE A HG22 1 
ATOM 770 H HG23 . ILE A 1 46 ? 16.289  -11.871 11.169  1.00 0.00 ? 46 ILE A HG23 1 
ATOM 771 H HD11 . ILE A 1 46 ? 18.416  -9.407  8.252   1.00 0.00 ? 46 ILE A HD11 1 
ATOM 772 H HD12 . ILE A 1 46 ? 18.529  -7.825  9.026   1.00 0.00 ? 46 ILE A HD12 1 
ATOM 773 H HD13 . ILE A 1 46 ? 18.782  -9.284  9.988   1.00 0.00 ? 46 ILE A HD13 1 
ATOM 774 N N    . TYR A 1 47 ? 14.532  -12.828 9.195   1.00 0.00 ? 47 TYR A N    1 
ATOM 775 C CA   . TYR A 1 47 ? 14.001  -14.167 9.392   1.00 0.00 ? 47 TYR A CA   1 
ATOM 776 C C    . TYR A 1 47 ? 14.084  -14.948 8.079   1.00 0.00 ? 47 TYR A C    1 
ATOM 777 O O    . TYR A 1 47 ? 14.686  -16.017 8.037   1.00 0.00 ? 47 TYR A O    1 
ATOM 778 C CB   . TYR A 1 47 ? 12.561  -14.111 9.928   1.00 0.00 ? 47 TYR A CB   1 
ATOM 779 C CG   . TYR A 1 47 ? 11.925  -15.485 10.088  1.00 0.00 ? 47 TYR A CG   1 
ATOM 780 C CD1  . TYR A 1 47 ? 12.358  -16.347 11.120  1.00 0.00 ? 47 TYR A CD1  1 
ATOM 781 C CD2  . TYR A 1 47 ? 10.937  -15.927 9.177   1.00 0.00 ? 47 TYR A CD2  1 
ATOM 782 C CE1  . TYR A 1 47 ? 11.835  -17.654 11.220  1.00 0.00 ? 47 TYR A CE1  1 
ATOM 783 C CE2  . TYR A 1 47 ? 10.414  -17.233 9.276   1.00 0.00 ? 47 TYR A CE2  1 
ATOM 784 C CZ   . TYR A 1 47 ? 10.866  -18.100 10.294  1.00 0.00 ? 47 TYR A CZ   1 
ATOM 785 O OH   . TYR A 1 47 ? 10.370  -19.370 10.377  1.00 0.00 ? 47 TYR A OH   1 
ATOM 786 H H    . TYR A 1 47 ? 13.931  -12.052 9.436   1.00 0.00 ? 47 TYR A H    1 
ATOM 787 H HA   . TYR A 1 47 ? 14.621  -14.663 10.142  1.00 0.00 ? 47 TYR A HA   1 
ATOM 788 H HB2  . TYR A 1 47 ? 12.564  -13.617 10.902  1.00 0.00 ? 47 TYR A HB2  1 
ATOM 789 H HB3  . TYR A 1 47 ? 11.949  -13.503 9.259   1.00 0.00 ? 47 TYR A HB3  1 
ATOM 790 H HD1  . TYR A 1 47 ? 13.107  -16.017 11.826  1.00 0.00 ? 47 TYR A HD1  1 
ATOM 791 H HD2  . TYR A 1 47 ? 10.590  -15.275 8.389   1.00 0.00 ? 47 TYR A HD2  1 
ATOM 792 H HE1  . TYR A 1 47 ? 12.183  -18.312 12.003  1.00 0.00 ? 47 TYR A HE1  1 
ATOM 793 H HE2  . TYR A 1 47 ? 9.670   -17.568 8.566   1.00 0.00 ? 47 TYR A HE2  1 
ATOM 794 H HH   . TYR A 1 47 ? 10.742  -19.881 11.099  1.00 0.00 ? 47 TYR A HH   1 
ATOM 795 N N    . GLU A 1 48 ? 13.443  -14.448 7.012   1.00 0.00 ? 48 GLU A N    1 
ATOM 796 C CA   . GLU A 1 48 ? 13.447  -15.062 5.685   1.00 0.00 ? 48 GLU A CA   1 
ATOM 797 C C    . GLU A 1 48 ? 14.843  -15.000 5.049   1.00 0.00 ? 48 GLU A C    1 
ATOM 798 O O    . GLU A 1 48 ? 15.262  -15.966 4.411   1.00 0.00 ? 48 GLU A O    1 
ATOM 799 C CB   . GLU A 1 48 ? 12.403  -14.401 4.768   1.00 0.00 ? 48 GLU A CB   1 
ATOM 800 C CG   . GLU A 1 48 ? 10.967  -14.573 5.297   1.00 0.00 ? 48 GLU A CG   1 
ATOM 801 C CD   . GLU A 1 48 ? 9.897   -14.027 4.346   1.00 0.00 ? 48 GLU A CD   1 
ATOM 802 O OE1  . GLU A 1 48 ? 10.217  -13.343 3.375   1.00 0.00 ? 48 GLU A OE1  1 
ATOM 803 O OE2  . GLU A 1 48 ? 8.609   -14.344 4.664   1.00 0.00 ? 48 GLU A OE2  1 
ATOM 804 H H    . GLU A 1 48 ? 12.945  -13.576 7.117   1.00 0.00 ? 48 GLU A H    1 
ATOM 805 H HA   . GLU A 1 48 ? 13.166  -16.113 5.794   1.00 0.00 ? 48 GLU A HA   1 
ATOM 806 H HB2  . GLU A 1 48 ? 12.631  -13.340 4.650   1.00 0.00 ? 48 GLU A HB2  1 
ATOM 807 H HB3  . GLU A 1 48 ? 12.463  -14.873 3.785   1.00 0.00 ? 48 GLU A HB3  1 
ATOM 808 H HG2  . GLU A 1 48 ? 10.777  -15.636 5.455   1.00 0.00 ? 48 GLU A HG2  1 
ATOM 809 H HG3  . GLU A 1 48 ? 10.865  -14.058 6.253   1.00 0.00 ? 48 GLU A HG3  1 
ATOM 810 H HE2  . GLU A 1 48 ? 7.973   -13.962 4.056   1.00 0.00 ? 48 GLU A HE2  1 
ATOM 811 N N    . THR A 1 49 ? 15.559  -13.876 5.221   1.00 0.00 ? 49 THR A N    1 
ATOM 812 C CA   . THR A 1 49 ? 16.919  -13.676 4.724   1.00 0.00 ? 49 THR A CA   1 
ATOM 813 C C    . THR A 1 49 ? 17.909  -14.328 5.706   1.00 0.00 ? 49 THR A C    1 
ATOM 814 O O    . THR A 1 49 ? 18.657  -13.638 6.398   1.00 0.00 ? 49 THR A O    1 
ATOM 815 C CB   . THR A 1 49 ? 17.176  -12.166 4.502   1.00 0.00 ? 49 THR A CB   1 
ATOM 816 O OG1  . THR A 1 49 ? 16.132  -11.592 3.736   1.00 0.00 ? 49 THR A OG1  1 
ATOM 817 C CG2  . THR A 1 49 ? 18.503  -11.908 3.769   1.00 0.00 ? 49 THR A CG2  1 
ATOM 818 H H    . THR A 1 49 ? 15.149  -13.120 5.750   1.00 0.00 ? 49 THR A H    1 
ATOM 819 H HA   . THR A 1 49 ? 17.021  -14.164 3.752   1.00 0.00 ? 49 THR A HA   1 
ATOM 820 H HB   . THR A 1 49 ? 17.197  -11.652 5.463   1.00 0.00 ? 49 THR A HB   1 
ATOM 821 H HG1  . THR A 1 49 ? 16.093  -12.040 2.887   1.00 0.00 ? 49 THR A HG1  1 
ATOM 822 H HG21 . THR A 1 49 ? 18.637  -10.836 3.619   1.00 0.00 ? 49 THR A HG21 1 
ATOM 823 H HG22 . THR A 1 49 ? 19.348  -12.281 4.347   1.00 0.00 ? 49 THR A HG22 1 
ATOM 824 H HG23 . THR A 1 49 ? 18.497  -12.402 2.797   1.00 0.00 ? 49 THR A HG23 1 
ATOM 825 N N    . TYR A 1 50 ? 17.901  -15.670 5.768   1.00 0.00 ? 50 TYR A N    1 
ATOM 826 C CA   . TYR A 1 50 ? 18.762  -16.473 6.637   1.00 0.00 ? 50 TYR A CA   1 
ATOM 827 C C    . TYR A 1 50 ? 20.244  -16.241 6.302   1.00 0.00 ? 50 TYR A C    1 
ATOM 828 O O    . TYR A 1 50 ? 21.030  -15.903 7.188   1.00 0.00 ? 50 TYR A O    1 
ATOM 829 C CB   . TYR A 1 50 ? 18.397  -17.965 6.527   1.00 0.00 ? 50 TYR A CB   1 
ATOM 830 C CG   . TYR A 1 50 ? 17.001  -18.332 7.017   1.00 0.00 ? 50 TYR A CG   1 
ATOM 831 C CD1  . TYR A 1 50 ? 16.750  -18.472 8.401   1.00 0.00 ? 50 TYR A CD1  1 
ATOM 832 C CD2  . TYR A 1 50 ? 15.951  -18.545 6.094   1.00 0.00 ? 50 TYR A CD2  1 
ATOM 833 C CE1  . TYR A 1 50 ? 15.465  -18.835 8.858   1.00 0.00 ? 50 TYR A CE1  1 
ATOM 834 C CE2  . TYR A 1 50 ? 14.661  -18.889 6.550   1.00 0.00 ? 50 TYR A CE2  1 
ATOM 835 C CZ   . TYR A 1 50 ? 14.416  -19.033 7.933   1.00 0.00 ? 50 TYR A CZ   1 
ATOM 836 O OH   . TYR A 1 50 ? 13.164  -19.357 8.372   1.00 0.00 ? 50 TYR A OH   1 
ATOM 837 H H    . TYR A 1 50 ? 17.249  -16.169 5.177   1.00 0.00 ? 50 TYR A H    1 
ATOM 838 H HA   . TYR A 1 50 ? 18.585  -16.161 7.670   1.00 0.00 ? 50 TYR A HA   1 
ATOM 839 H HB2  . TYR A 1 50 ? 18.513  -18.286 5.489   1.00 0.00 ? 50 TYR A HB2  1 
ATOM 840 H HB3  . TYR A 1 50 ? 19.114  -18.539 7.117   1.00 0.00 ? 50 TYR A HB3  1 
ATOM 841 H HD1  . TYR A 1 50 ? 17.544  -18.307 9.116   1.00 0.00 ? 50 TYR A HD1  1 
ATOM 842 H HD2  . TYR A 1 50 ? 16.134  -18.454 5.033   1.00 0.00 ? 50 TYR A HD2  1 
ATOM 843 H HE1  . TYR A 1 50 ? 15.284  -18.944 9.918   1.00 0.00 ? 50 TYR A HE1  1 
ATOM 844 H HE2  . TYR A 1 50 ? 13.864  -19.039 5.838   1.00 0.00 ? 50 TYR A HE2  1 
ATOM 845 H HH   . TYR A 1 50 ? 13.095  -19.417 9.327   1.00 0.00 ? 50 TYR A HH   1 
ATOM 846 N N    . GLY A 1 51 ? 20.614  -16.414 5.024   1.00 0.00 ? 51 GLY A N    1 
ATOM 847 C CA   . GLY A 1 51 ? 21.960  -16.194 4.518   1.00 0.00 ? 51 GLY A CA   1 
ATOM 848 C C    . GLY A 1 51 ? 21.922  -16.035 2.999   1.00 0.00 ? 51 GLY A C    1 
ATOM 849 O O    . GLY A 1 51 ? 22.413  -16.905 2.282   1.00 0.00 ? 51 GLY A O    1 
ATOM 850 O OXT  . GLY A 1 51 ? 21.326  -14.899 2.532   1.00 0.00 ? 51 GLY A OXT  1 
ATOM 851 H H    . GLY A 1 51 ? 19.910  -16.696 4.356   1.00 0.00 ? 51 GLY A H    1 
ATOM 852 H HA2  . GLY A 1 51 ? 22.387  -15.290 4.953   1.00 0.00 ? 51 GLY A HA2  1 
ATOM 853 H HA3  . GLY A 1 51 ? 22.587  -17.044 4.793   1.00 0.00 ? 51 GLY A HA3  1 
ATOM 854 H HXT  . GLY A 1 51 ? 21.327  -14.847 1.574   1.00 0.00 ? 51 GLY A HXT  1 
# 
